data_7U4L
#
_entry.id   7U4L
#
_cell.length_a   60.889
_cell.length_b   91.506
_cell.length_c   72.189
_cell.angle_alpha   90.000
_cell.angle_beta   90.000
_cell.angle_gamma   90.000
#
_symmetry.space_group_name_H-M   'P 1 21 1'
#
loop_
_entity.id
_entity.type
_entity.pdbx_description
1 polymer 'Phospholipid hydroperoxide glutathione peroxidase'
2 non-polymer thiophene-2-carbaldehyde
3 water water
#
_entity_poly.entity_id   1
_entity_poly.type   'polypeptide(L)'
_entity_poly.pdbx_seq_one_letter_code
;MGSSHHHHHHSSGLVPRGSHMLEAASRDDWRCARSMHEFSAKDIDGHMVNLDKYRGFVCIVTNVASQCGKTEVNYTQLVD
LHARYAECGLRILAFPCNQFGKQEPGSNEEIKEFAAGYNVKFDMFSKICVNGDDAHPLWKWMKIQPKGKGILGNAIKWNF
TKFLIDKNGCVVKRYGPMEEPLVIEKDLPHYF
;
_entity_poly.pdbx_strand_id   A,B,C,D
#
# COMPACT_ATOMS: atom_id res chain seq x y z
N ASP A 28 22.49 -25.88 -19.63
CA ASP A 28 21.84 -24.62 -19.98
C ASP A 28 22.56 -23.92 -21.13
N ASP A 29 22.10 -24.18 -22.35
CA ASP A 29 22.68 -23.53 -23.52
C ASP A 29 22.48 -22.02 -23.46
N TRP A 30 21.35 -21.56 -22.91
CA TRP A 30 21.01 -20.14 -22.98
C TRP A 30 21.98 -19.27 -22.21
N ARG A 31 22.60 -19.78 -21.14
CA ARG A 31 23.59 -18.97 -20.41
C ARG A 31 24.83 -18.65 -21.26
N CYS A 32 25.09 -19.42 -22.31
CA CYS A 32 26.28 -19.26 -23.13
C CYS A 32 26.03 -18.50 -24.42
N ALA A 33 24.78 -18.13 -24.71
CA ALA A 33 24.54 -17.30 -25.88
C ALA A 33 25.27 -15.97 -25.72
N ARG A 34 25.63 -15.38 -26.86
CA ARG A 34 26.36 -14.12 -26.86
C ARG A 34 25.54 -12.97 -27.45
N SER A 35 24.32 -13.21 -27.91
CA SER A 35 23.56 -12.15 -28.57
C SER A 35 22.07 -12.51 -28.61
N MET A 36 21.22 -11.50 -28.52
CA MET A 36 19.78 -11.70 -28.73
C MET A 36 19.52 -12.39 -30.04
N HIS A 37 20.35 -12.12 -31.05
CA HIS A 37 20.16 -12.66 -32.39
C HIS A 37 20.25 -14.18 -32.44
N GLU A 38 20.71 -14.82 -31.37
CA GLU A 38 20.78 -16.28 -31.36
C GLU A 38 19.46 -16.92 -30.99
N PHE A 39 18.48 -16.15 -30.51
CA PHE A 39 17.23 -16.69 -30.02
C PHE A 39 16.13 -16.58 -31.07
N SER A 40 15.06 -17.35 -30.86
CA SER A 40 13.88 -17.32 -31.70
C SER A 40 12.66 -17.18 -30.80
N ALA A 41 11.59 -16.58 -31.34
CA ALA A 41 10.36 -16.44 -30.58
C ALA A 41 9.14 -16.37 -31.50
N LYS A 42 8.05 -16.95 -31.01
CA LYS A 42 6.79 -16.98 -31.72
C LYS A 42 6.08 -15.64 -31.60
N ASP A 43 5.64 -15.09 -32.74
CA ASP A 43 4.95 -13.81 -32.71
C ASP A 43 3.48 -14.04 -32.34
N ILE A 44 2.73 -12.96 -32.17
CA ILE A 44 1.37 -13.08 -31.63
C ILE A 44 0.42 -13.79 -32.59
N ASP A 45 0.80 -14.00 -33.84
CA ASP A 45 0.02 -14.80 -34.79
C ASP A 45 0.48 -16.25 -34.84
N GLY A 46 1.43 -16.65 -33.99
CA GLY A 46 1.86 -18.03 -33.97
C GLY A 46 2.97 -18.38 -34.92
N HIS A 47 3.59 -17.40 -35.58
CA HIS A 47 4.70 -17.65 -36.50
C HIS A 47 6.03 -17.45 -35.79
N MET A 48 6.95 -18.36 -36.01
CA MET A 48 8.26 -18.29 -35.39
C MET A 48 9.09 -17.18 -36.05
N VAL A 49 9.77 -16.38 -35.24
CA VAL A 49 10.59 -15.26 -35.72
C VAL A 49 12.03 -15.51 -35.28
N ASN A 50 12.93 -15.53 -36.23
CA ASN A 50 14.35 -15.59 -35.90
C ASN A 50 14.80 -14.18 -35.54
N LEU A 51 15.28 -13.98 -34.31
CA LEU A 51 15.55 -12.62 -33.87
C LEU A 51 16.84 -12.04 -34.47
N ASP A 52 17.58 -12.81 -35.26
CA ASP A 52 18.70 -12.19 -35.94
C ASP A 52 18.23 -11.22 -37.02
N LYS A 53 16.95 -11.21 -37.36
CA LYS A 53 16.47 -10.19 -38.28
C LYS A 53 16.63 -8.79 -37.71
N TYR A 54 16.81 -8.67 -36.40
CA TYR A 54 17.00 -7.36 -35.80
C TYR A 54 18.45 -6.93 -35.75
N ARG A 55 19.36 -7.75 -36.30
CA ARG A 55 20.76 -7.35 -36.36
C ARG A 55 20.91 -6.04 -37.14
N GLY A 56 21.61 -5.10 -36.53
CA GLY A 56 21.75 -3.79 -37.14
C GLY A 56 20.69 -2.79 -36.74
N PHE A 57 19.75 -3.15 -35.85
CA PHE A 57 18.79 -2.22 -35.30
C PHE A 57 18.94 -2.14 -33.78
N VAL A 58 18.70 -0.96 -33.23
CA VAL A 58 18.57 -0.79 -31.79
C VAL A 58 17.17 -1.22 -31.37
N CYS A 59 17.08 -2.05 -30.32
CA CYS A 59 15.80 -2.61 -29.91
C CYS A 59 15.48 -2.33 -28.46
N ILE A 60 14.17 -2.25 -28.18
CA ILE A 60 13.63 -2.25 -26.83
C ILE A 60 12.81 -3.53 -26.69
N VAL A 61 13.16 -4.36 -25.70
CA VAL A 61 12.44 -5.59 -25.40
C VAL A 61 11.72 -5.38 -24.09
N THR A 62 10.43 -5.75 -24.04
CA THR A 62 9.63 -5.44 -22.85
C THR A 62 8.52 -6.47 -22.66
N ASN A 63 8.21 -6.76 -21.40
CA ASN A 63 7.10 -7.63 -21.03
C ASN A 63 5.87 -6.77 -20.75
N VAL A 64 4.79 -6.99 -21.50
CA VAL A 64 3.65 -6.09 -21.47
C VAL A 64 2.45 -6.77 -20.80
N ALA A 65 1.49 -5.97 -20.39
CA ALA A 65 0.27 -6.47 -19.79
C ALA A 65 -0.84 -5.45 -20.04
N SER A 66 -2.06 -5.97 -20.20
CA SER A 66 -3.20 -5.12 -20.58
C SER A 66 -3.94 -4.53 -19.41
N GLN A 67 -3.82 -5.10 -18.21
CA GLN A 67 -4.66 -4.65 -17.11
C GLN A 67 -3.84 -4.18 -15.93
N CYS A 68 -2.86 -3.35 -16.18
CA CYS A 68 -1.97 -2.94 -15.11
C CYS A 68 -1.95 -1.43 -15.02
N GLY A 69 -1.49 -0.92 -13.87
CA GLY A 69 -1.55 0.51 -13.63
C GLY A 69 -0.74 1.32 -14.63
N LYS A 70 0.28 0.72 -15.21
CA LYS A 70 1.16 1.41 -16.14
C LYS A 70 0.91 1.00 -17.58
N THR A 71 -0.22 0.34 -17.87
CA THR A 71 -0.52 -0.10 -19.23
C THR A 71 -0.63 1.10 -20.18
N GLU A 72 -1.38 2.14 -19.80
CA GLU A 72 -1.61 3.23 -20.73
C GLU A 72 -0.33 4.00 -21.00
N VAL A 73 0.42 4.37 -19.97
CA VAL A 73 1.60 5.20 -20.19
C VAL A 73 2.66 4.43 -21.00
N ASN A 74 2.79 3.11 -20.78
CA ASN A 74 3.81 2.37 -21.51
C ASN A 74 3.45 2.18 -22.98
N TYR A 75 2.24 1.67 -23.27
CA TYR A 75 1.81 1.55 -24.66
C TYR A 75 1.90 2.89 -25.39
N THR A 76 1.39 3.97 -24.79
CA THR A 76 1.37 5.25 -25.50
C THR A 76 2.78 5.78 -25.72
N GLN A 77 3.66 5.68 -24.72
CA GLN A 77 5.03 6.18 -24.90
C GLN A 77 5.86 5.25 -25.79
N LEU A 78 5.63 3.94 -25.73
CA LEU A 78 6.35 3.04 -26.64
C LEU A 78 5.97 3.31 -28.10
N VAL A 79 4.66 3.42 -28.38
CA VAL A 79 4.20 3.79 -29.72
C VAL A 79 4.81 5.11 -30.17
N ASP A 80 4.90 6.08 -29.24
CA ASP A 80 5.49 7.38 -29.54
C ASP A 80 6.97 7.28 -29.87
N LEU A 81 7.75 6.57 -29.02
CA LEU A 81 9.18 6.42 -29.32
C LEU A 81 9.39 5.72 -30.65
N HIS A 82 8.58 4.70 -30.94
CA HIS A 82 8.69 4.00 -32.21
C HIS A 82 8.44 4.94 -33.40
N ALA A 83 7.37 5.72 -33.35
CA ALA A 83 7.11 6.62 -34.48
C ALA A 83 8.20 7.68 -34.61
N ARG A 84 8.74 8.15 -33.48
CA ARG A 84 9.74 9.20 -33.48
C ARG A 84 11.08 8.72 -34.05
N TYR A 85 11.45 7.47 -33.78
CA TYR A 85 12.79 6.99 -34.08
C TYR A 85 12.80 5.83 -35.07
N ALA A 86 11.68 5.63 -35.78
CA ALA A 86 11.62 4.54 -36.75
C ALA A 86 12.64 4.71 -37.87
N GLU A 87 12.82 5.94 -38.37
CA GLU A 87 13.76 6.15 -39.47
C GLU A 87 15.21 5.99 -39.03
N CYS A 88 15.52 6.16 -37.74
CA CYS A 88 16.87 5.86 -37.25
C CYS A 88 17.05 4.38 -36.91
N GLY A 89 16.04 3.54 -37.11
CA GLY A 89 16.16 2.12 -36.91
C GLY A 89 15.66 1.58 -35.58
N LEU A 90 14.94 2.38 -34.78
CA LEU A 90 14.42 1.85 -33.53
C LEU A 90 13.37 0.79 -33.80
N ARG A 91 13.53 -0.36 -33.14
CA ARG A 91 12.56 -1.46 -33.15
C ARG A 91 12.16 -1.79 -31.71
N ILE A 92 10.97 -2.37 -31.54
CA ILE A 92 10.44 -2.66 -30.21
C ILE A 92 9.78 -4.04 -30.23
N LEU A 93 10.15 -4.91 -29.29
CA LEU A 93 9.63 -6.27 -29.15
C LEU A 93 8.83 -6.38 -27.86
N ALA A 94 7.58 -6.79 -27.95
CA ALA A 94 6.66 -6.78 -26.82
C ALA A 94 6.19 -8.20 -26.56
N PHE A 95 6.49 -8.69 -25.37
CA PHE A 95 6.10 -10.03 -24.94
C PHE A 95 5.04 -9.92 -23.85
N PRO A 96 3.81 -10.34 -24.12
CA PRO A 96 2.81 -10.37 -23.05
C PRO A 96 3.18 -11.40 -21.99
N CYS A 97 2.86 -11.09 -20.73
CA CYS A 97 3.21 -11.96 -19.62
C CYS A 97 2.19 -11.79 -18.50
N ASN A 98 1.59 -12.91 -18.06
CA ASN A 98 0.55 -12.92 -17.05
C ASN A 98 1.05 -13.20 -15.63
N GLN A 99 2.37 -13.17 -15.40
CA GLN A 99 2.90 -13.55 -14.09
C GLN A 99 2.86 -12.46 -13.03
N PHE A 100 2.39 -11.24 -13.33
CA PHE A 100 2.48 -10.13 -12.38
C PHE A 100 1.09 -9.60 -12.05
N GLY A 101 0.43 -10.25 -11.10
CA GLY A 101 -0.92 -9.89 -10.72
C GLY A 101 -1.96 -10.45 -11.67
N LYS A 102 -1.58 -11.40 -12.51
CA LYS A 102 -2.46 -11.94 -13.52
C LYS A 102 -3.11 -10.82 -14.33
N GLN A 103 -2.26 -9.94 -14.86
CA GLN A 103 -2.73 -8.73 -15.52
C GLN A 103 -2.61 -8.83 -17.03
N GLU A 104 -2.38 -10.04 -17.55
CA GLU A 104 -2.48 -10.30 -18.98
C GLU A 104 -3.19 -11.64 -19.18
N PRO A 105 -4.43 -11.76 -18.68
CA PRO A 105 -5.13 -13.05 -18.75
C PRO A 105 -5.70 -13.40 -20.11
N GLY A 106 -5.72 -12.45 -21.06
CA GLY A 106 -6.41 -12.68 -22.33
C GLY A 106 -5.64 -13.56 -23.30
N SER A 107 -6.34 -13.94 -24.37
CA SER A 107 -5.76 -14.71 -25.45
C SER A 107 -4.89 -13.81 -26.34
N ASN A 108 -4.05 -14.44 -27.15
CA ASN A 108 -3.18 -13.67 -28.03
C ASN A 108 -3.98 -12.78 -28.96
N GLU A 109 -5.12 -13.28 -29.46
CA GLU A 109 -5.96 -12.47 -30.33
C GLU A 109 -6.49 -11.23 -29.60
N GLU A 110 -6.98 -11.42 -28.37
CA GLU A 110 -7.41 -10.27 -27.56
C GLU A 110 -6.28 -9.29 -27.33
N ILE A 111 -5.08 -9.79 -27.05
CA ILE A 111 -3.96 -8.89 -26.80
C ILE A 111 -3.61 -8.14 -28.08
N LYS A 112 -3.67 -8.83 -29.22
CA LYS A 112 -3.43 -8.19 -30.51
C LYS A 112 -4.43 -7.06 -30.74
N GLU A 113 -5.71 -7.34 -30.50
CA GLU A 113 -6.72 -6.29 -30.68
C GLU A 113 -6.53 -5.18 -29.66
N PHE A 114 -6.15 -5.51 -28.43
CA PHE A 114 -5.88 -4.48 -27.44
C PHE A 114 -4.77 -3.54 -27.92
N ALA A 115 -3.70 -4.12 -28.45
CA ALA A 115 -2.58 -3.33 -28.94
C ALA A 115 -2.98 -2.46 -30.14
N ALA A 116 -3.84 -2.99 -31.03
CA ALA A 116 -4.32 -2.20 -32.16
C ALA A 116 -5.09 -0.96 -31.71
N GLY A 117 -5.79 -1.03 -30.59
CA GLY A 117 -6.46 0.15 -30.06
C GLY A 117 -5.51 1.27 -29.67
N TYR A 118 -4.25 0.94 -29.39
CA TYR A 118 -3.23 1.97 -29.16
C TYR A 118 -2.49 2.36 -30.44
N ASN A 119 -2.85 1.76 -31.58
CA ASN A 119 -2.17 1.97 -32.86
C ASN A 119 -0.71 1.51 -32.80
N VAL A 120 -0.52 0.32 -32.21
CA VAL A 120 0.81 -0.28 -32.13
C VAL A 120 1.26 -0.74 -33.51
N LYS A 121 2.43 -0.29 -33.92
CA LYS A 121 3.04 -0.73 -35.17
C LYS A 121 4.34 -1.51 -34.96
N PHE A 122 4.78 -1.70 -33.71
CA PHE A 122 5.98 -2.50 -33.47
C PHE A 122 5.59 -3.97 -33.40
N ASP A 123 6.47 -4.83 -32.91
CA ASP A 123 6.29 -6.26 -33.09
C ASP A 123 5.77 -6.87 -31.80
N MET A 124 4.62 -7.53 -31.88
CA MET A 124 3.96 -8.18 -30.76
C MET A 124 4.21 -9.68 -30.82
N PHE A 125 4.52 -10.28 -29.67
CA PHE A 125 4.79 -11.71 -29.62
C PHE A 125 3.71 -12.46 -28.83
N SER A 126 3.77 -13.79 -28.93
CA SER A 126 2.86 -14.63 -28.15
C SER A 126 3.21 -14.54 -26.68
N LYS A 127 2.18 -14.70 -25.84
CA LYS A 127 2.37 -14.61 -24.40
C LYS A 127 3.37 -15.66 -23.93
N ILE A 128 4.21 -15.29 -22.95
CA ILE A 128 5.25 -16.15 -22.40
C ILE A 128 5.33 -15.96 -20.89
N CYS A 129 6.18 -16.76 -20.26
CA CYS A 129 6.68 -16.49 -18.92
C CYS A 129 8.07 -15.87 -19.05
N VAL A 130 8.36 -14.90 -18.18
CA VAL A 130 9.68 -14.29 -18.13
C VAL A 130 10.49 -14.75 -16.93
N ASN A 131 9.83 -15.31 -15.91
CA ASN A 131 10.42 -15.81 -14.68
C ASN A 131 10.15 -17.30 -14.52
N GLY A 132 11.02 -17.98 -13.76
CA GLY A 132 10.83 -19.37 -13.46
C GLY A 132 11.45 -20.32 -14.48
N ASP A 133 11.34 -21.61 -14.16
CA ASP A 133 11.96 -22.65 -14.97
C ASP A 133 11.45 -22.66 -16.41
N ASP A 134 10.18 -22.30 -16.62
CA ASP A 134 9.56 -22.34 -17.94
C ASP A 134 9.72 -21.03 -18.74
N ALA A 135 10.49 -20.07 -18.25
CA ALA A 135 10.61 -18.79 -18.92
C ALA A 135 11.24 -18.94 -20.28
N HIS A 136 10.86 -18.06 -21.20
CA HIS A 136 11.47 -18.07 -22.51
C HIS A 136 12.98 -17.88 -22.38
N PRO A 137 13.78 -18.66 -23.09
CA PRO A 137 15.23 -18.58 -22.89
C PRO A 137 15.84 -17.22 -23.20
N LEU A 138 15.26 -16.45 -24.14
CA LEU A 138 15.70 -15.06 -24.35
C LEU A 138 15.68 -14.27 -23.06
N TRP A 139 14.58 -14.40 -22.30
CA TRP A 139 14.46 -13.65 -21.04
C TRP A 139 15.39 -14.19 -19.95
N LYS A 140 15.63 -15.51 -19.91
CA LYS A 140 16.61 -16.03 -18.95
C LYS A 140 17.98 -15.41 -19.19
N TRP A 141 18.36 -15.30 -20.46
CA TRP A 141 19.67 -14.77 -20.82
C TRP A 141 19.78 -13.28 -20.52
N MET A 142 18.76 -12.51 -20.89
CA MET A 142 18.84 -11.06 -20.68
C MET A 142 19.12 -10.75 -19.22
N LYS A 143 18.45 -11.47 -18.32
CA LYS A 143 18.48 -11.16 -16.89
C LYS A 143 19.86 -11.34 -16.25
N ILE A 144 20.74 -12.17 -16.82
CA ILE A 144 22.10 -12.36 -16.27
C ILE A 144 23.17 -11.65 -17.09
N GLN A 145 22.80 -10.91 -18.13
CA GLN A 145 23.76 -10.10 -18.83
C GLN A 145 24.32 -9.02 -17.90
N PRO A 146 25.59 -8.63 -18.06
CA PRO A 146 26.14 -7.60 -17.15
C PRO A 146 25.27 -6.37 -16.98
N LYS A 147 24.72 -5.82 -18.06
CA LYS A 147 23.83 -4.66 -17.96
C LYS A 147 22.35 -5.04 -17.88
N GLY A 148 22.05 -6.33 -17.74
CA GLY A 148 20.68 -6.78 -17.57
C GLY A 148 20.36 -7.28 -16.18
N LYS A 149 21.36 -7.22 -15.28
CA LYS A 149 21.18 -7.65 -13.90
C LYS A 149 20.25 -6.71 -13.15
N GLY A 150 19.50 -7.28 -12.21
CA GLY A 150 18.70 -6.52 -11.28
C GLY A 150 19.43 -6.33 -9.95
N ILE A 151 18.79 -5.58 -9.06
CA ILE A 151 19.43 -5.18 -7.80
C ILE A 151 19.06 -6.10 -6.65
N LEU A 152 17.80 -6.54 -6.58
CA LEU A 152 17.37 -7.49 -5.57
C LEU A 152 17.09 -8.83 -6.24
N GLY A 153 18.14 -9.45 -6.77
CA GLY A 153 18.01 -10.56 -7.68
C GLY A 153 17.78 -10.07 -9.10
N ASN A 154 17.97 -10.98 -10.07
CA ASN A 154 17.84 -10.63 -11.47
C ASN A 154 16.42 -10.74 -12.00
N ALA A 155 15.51 -11.40 -11.27
CA ALA A 155 14.17 -11.69 -11.80
C ALA A 155 13.46 -10.41 -12.23
N ILE A 156 12.51 -10.57 -13.15
CA ILE A 156 11.61 -9.48 -13.49
C ILE A 156 10.68 -9.24 -12.31
N LYS A 157 10.55 -7.99 -11.90
CA LYS A 157 9.81 -7.66 -10.68
C LYS A 157 8.32 -7.38 -10.94
N TRP A 158 7.99 -6.75 -12.05
CA TRP A 158 6.61 -6.36 -12.34
C TRP A 158 6.46 -6.17 -13.86
N ASN A 159 5.24 -5.84 -14.29
CA ASN A 159 4.96 -5.58 -15.70
C ASN A 159 5.81 -4.42 -16.22
N PHE A 160 6.17 -4.51 -17.50
CA PHE A 160 6.82 -3.44 -18.29
C PHE A 160 8.24 -3.12 -17.81
N THR A 161 9.02 -4.16 -17.51
CA THR A 161 10.47 -4.00 -17.48
C THR A 161 10.97 -3.83 -18.91
N LYS A 162 11.98 -2.99 -19.08
CA LYS A 162 12.48 -2.64 -20.42
C LYS A 162 13.98 -2.92 -20.51
N PHE A 163 14.40 -3.62 -21.57
CA PHE A 163 15.81 -3.83 -21.89
C PHE A 163 16.16 -3.12 -23.19
N LEU A 164 17.30 -2.43 -23.20
CA LEU A 164 17.76 -1.77 -24.41
C LEU A 164 18.86 -2.63 -25.05
N ILE A 165 18.67 -2.97 -26.33
CA ILE A 165 19.52 -3.92 -27.04
C ILE A 165 20.27 -3.18 -28.15
N ASP A 166 21.59 -3.33 -28.19
CA ASP A 166 22.35 -2.64 -29.22
C ASP A 166 22.26 -3.40 -30.55
N LYS A 167 22.87 -2.83 -31.59
CA LYS A 167 22.70 -3.35 -32.94
C LYS A 167 23.31 -4.75 -33.10
N ASN A 168 24.25 -5.11 -32.24
CA ASN A 168 24.84 -6.44 -32.19
C ASN A 168 24.06 -7.41 -31.31
N GLY A 169 22.98 -6.97 -30.66
CA GLY A 169 22.17 -7.87 -29.87
C GLY A 169 22.55 -7.97 -28.41
N CYS A 170 23.48 -7.14 -27.93
CA CYS A 170 23.84 -7.16 -26.52
C CYS A 170 22.96 -6.21 -25.72
N VAL A 171 22.68 -6.61 -24.47
CA VAL A 171 21.97 -5.77 -23.52
C VAL A 171 22.87 -4.64 -23.06
N VAL A 172 22.38 -3.40 -23.15
CA VAL A 172 23.16 -2.27 -22.69
C VAL A 172 22.50 -1.53 -21.55
N LYS A 173 21.22 -1.74 -21.29
CA LYS A 173 20.58 -1.07 -20.17
C LYS A 173 19.30 -1.78 -19.81
N ARG A 174 18.95 -1.72 -18.52
CA ARG A 174 17.69 -2.25 -17.99
C ARG A 174 16.96 -1.13 -17.27
N TYR A 175 15.66 -1.01 -17.52
CA TYR A 175 14.81 0.01 -16.91
C TYR A 175 13.64 -0.65 -16.19
N GLY A 176 13.26 -0.11 -15.04
CA GLY A 176 12.28 -0.76 -14.18
C GLY A 176 10.84 -0.61 -14.65
N PRO A 177 9.95 -1.39 -14.02
CA PRO A 177 8.51 -1.29 -14.31
C PRO A 177 7.91 0.09 -14.15
N MET A 178 8.44 0.89 -13.22
CA MET A 178 7.89 2.21 -12.94
C MET A 178 8.61 3.32 -13.71
N GLU A 179 9.61 2.99 -14.50
CA GLU A 179 10.28 3.98 -15.34
C GLU A 179 9.51 4.17 -16.65
N GLU A 180 9.06 5.39 -16.91
CA GLU A 180 8.36 5.69 -18.15
C GLU A 180 9.27 5.39 -19.34
N PRO A 181 8.73 4.90 -20.46
CA PRO A 181 9.60 4.63 -21.63
C PRO A 181 10.32 5.86 -22.15
N LEU A 182 9.80 7.07 -21.92
CA LEU A 182 10.50 8.25 -22.41
C LEU A 182 11.88 8.44 -21.76
N VAL A 183 12.13 7.86 -20.59
CA VAL A 183 13.48 8.03 -20.01
C VAL A 183 14.53 7.31 -20.85
N ILE A 184 14.13 6.39 -21.72
CA ILE A 184 15.09 5.68 -22.55
C ILE A 184 15.64 6.61 -23.63
N GLU A 185 14.88 7.64 -23.99
CA GLU A 185 15.21 8.43 -25.17
C GLU A 185 16.62 9.02 -25.11
N LYS A 186 17.02 9.53 -23.95
CA LYS A 186 18.33 10.16 -23.83
C LYS A 186 19.47 9.20 -24.18
N ASP A 187 19.24 7.89 -24.09
CA ASP A 187 20.29 6.90 -24.32
C ASP A 187 20.31 6.38 -25.74
N LEU A 188 19.25 6.55 -26.51
CA LEU A 188 19.22 6.01 -27.88
C LEU A 188 20.31 6.56 -28.78
N PRO A 189 20.62 7.87 -28.79
CA PRO A 189 21.64 8.36 -29.73
C PRO A 189 22.97 7.63 -29.64
N HIS A 190 23.32 7.06 -28.49
CA HIS A 190 24.64 6.45 -28.40
C HIS A 190 24.73 5.10 -29.12
N TYR A 191 23.61 4.49 -29.51
CA TYR A 191 23.63 3.16 -30.08
C TYR A 191 23.18 3.11 -31.54
N PHE A 192 22.55 4.16 -32.05
CA PHE A 192 22.09 4.21 -33.44
C PHE A 192 23.23 3.94 -34.44
N ARG B 27 -15.46 26.05 -2.32
CA ARG B 27 -14.62 25.71 -1.17
C ARG B 27 -14.86 24.27 -0.75
N ASP B 28 -16.14 23.90 -0.59
CA ASP B 28 -16.51 22.51 -0.31
C ASP B 28 -16.75 21.70 -1.57
N ASP B 29 -16.08 22.06 -2.67
CA ASP B 29 -16.12 21.25 -3.88
C ASP B 29 -15.50 19.87 -3.67
N TRP B 30 -14.65 19.73 -2.64
CA TRP B 30 -13.96 18.48 -2.37
C TRP B 30 -14.92 17.34 -2.06
N ARG B 31 -16.12 17.64 -1.53
CA ARG B 31 -17.03 16.57 -1.08
C ARG B 31 -17.44 15.64 -2.19
N CYS B 32 -17.55 16.16 -3.42
CA CYS B 32 -18.02 15.38 -4.56
C CYS B 32 -16.88 14.76 -5.37
N ALA B 33 -15.64 15.12 -5.07
CA ALA B 33 -14.51 14.51 -5.76
C ALA B 33 -14.58 13.00 -5.62
N ARG B 34 -14.09 12.31 -6.66
CA ARG B 34 -14.12 10.86 -6.69
C ARG B 34 -12.74 10.20 -6.52
N SER B 35 -11.65 10.97 -6.60
CA SER B 35 -10.33 10.35 -6.54
C SER B 35 -9.34 11.29 -5.87
N MET B 36 -8.35 10.69 -5.19
CA MET B 36 -7.19 11.45 -4.72
C MET B 36 -6.60 12.28 -5.84
N HIS B 37 -6.78 11.82 -7.09
CA HIS B 37 -6.12 12.40 -8.26
C HIS B 37 -6.68 13.75 -8.65
N GLU B 38 -7.86 14.11 -8.15
CA GLU B 38 -8.46 15.42 -8.37
C GLU B 38 -7.87 16.51 -7.48
N PHE B 39 -6.90 16.21 -6.62
CA PHE B 39 -6.38 17.20 -5.68
C PHE B 39 -4.95 17.56 -5.99
N SER B 40 -4.51 18.69 -5.43
CA SER B 40 -3.14 19.14 -5.47
C SER B 40 -2.68 19.46 -4.05
N ALA B 41 -1.36 19.43 -3.84
CA ALA B 41 -0.77 19.73 -2.55
C ALA B 41 0.66 20.23 -2.76
N LYS B 42 1.08 21.12 -1.87
CA LYS B 42 2.43 21.67 -1.93
C LYS B 42 3.43 20.70 -1.32
N ASP B 43 4.53 20.43 -2.05
CA ASP B 43 5.54 19.54 -1.49
C ASP B 43 6.43 20.29 -0.49
N ILE B 44 7.31 19.56 0.20
CA ILE B 44 8.00 20.15 1.34
C ILE B 44 9.03 21.20 0.92
N ASP B 45 9.38 21.26 -0.36
CA ASP B 45 10.20 22.37 -0.87
C ASP B 45 9.37 23.53 -1.37
N GLY B 46 8.04 23.50 -1.20
CA GLY B 46 7.19 24.59 -1.59
C GLY B 46 6.62 24.52 -3.01
N HIS B 47 6.90 23.46 -3.75
CA HIS B 47 6.41 23.32 -5.12
C HIS B 47 5.06 22.59 -5.14
N MET B 48 4.09 23.17 -5.85
CA MET B 48 2.75 22.60 -5.94
C MET B 48 2.74 21.37 -6.83
N VAL B 49 2.12 20.30 -6.34
CA VAL B 49 2.14 18.98 -6.99
C VAL B 49 0.71 18.57 -7.28
N ASN B 50 0.43 18.28 -8.55
CA ASN B 50 -0.84 17.69 -8.94
C ASN B 50 -0.82 16.20 -8.60
N LEU B 51 -1.76 15.76 -7.77
CA LEU B 51 -1.71 14.36 -7.32
C LEU B 51 -2.17 13.36 -8.38
N ASP B 52 -2.60 13.80 -9.57
CA ASP B 52 -2.84 12.84 -10.64
C ASP B 52 -1.56 12.17 -11.11
N LYS B 53 -0.39 12.68 -10.70
CA LYS B 53 0.84 11.98 -11.03
C LYS B 53 0.95 10.65 -10.29
N TYR B 54 0.07 10.39 -9.31
CA TYR B 54 0.05 9.11 -8.60
C TYR B 54 -0.88 8.07 -9.22
N ARG B 55 -1.56 8.42 -10.32
CA ARG B 55 -2.44 7.47 -10.99
C ARG B 55 -1.68 6.24 -11.45
N GLY B 56 -2.22 5.07 -11.12
CA GLY B 56 -1.57 3.81 -11.41
C GLY B 56 -0.58 3.33 -10.37
N PHE B 57 -0.36 4.09 -9.29
CA PHE B 57 0.46 3.67 -8.16
C PHE B 57 -0.44 3.33 -6.97
N VAL B 58 0.02 2.41 -6.13
CA VAL B 58 -0.60 2.16 -4.82
C VAL B 58 0.09 3.07 -3.81
N CYS B 59 -0.69 3.85 -3.06
CA CYS B 59 -0.10 4.84 -2.17
C CYS B 59 -0.51 4.65 -0.71
N ILE B 60 0.42 4.94 0.19
CA ILE B 60 0.15 5.15 1.61
C ILE B 60 0.18 6.66 1.84
N VAL B 61 -0.90 7.21 2.41
CA VAL B 61 -0.97 8.63 2.78
C VAL B 61 -1.02 8.73 4.30
N THR B 62 -0.14 9.54 4.89
CA THR B 62 0.01 9.53 6.35
C THR B 62 0.34 10.92 6.87
N ASN B 63 -0.12 11.22 8.08
CA ASN B 63 0.24 12.47 8.76
C ASN B 63 1.39 12.18 9.70
N VAL B 64 2.51 12.89 9.56
CA VAL B 64 3.70 12.57 10.31
C VAL B 64 3.99 13.65 11.35
N ALA B 65 4.88 13.31 12.31
CA ALA B 65 5.37 14.24 13.32
C ALA B 65 6.76 13.77 13.74
N SER B 66 7.60 14.72 14.15
CA SER B 66 9.00 14.43 14.44
C SER B 66 9.28 14.13 15.90
N GLN B 67 8.39 14.54 16.81
CA GLN B 67 8.63 14.49 18.24
C GLN B 67 7.55 13.64 18.89
N CYS B 68 7.28 12.49 18.31
CA CYS B 68 6.21 11.62 18.78
C CYS B 68 6.83 10.32 19.28
N GLY B 69 6.13 9.63 20.18
CA GLY B 69 6.60 8.34 20.65
C GLY B 69 6.75 7.32 19.54
N LYS B 70 5.94 7.42 18.49
CA LYS B 70 5.97 6.48 17.37
C LYS B 70 6.74 7.01 16.16
N THR B 71 7.46 8.13 16.31
CA THR B 71 8.19 8.67 15.16
C THR B 71 9.19 7.66 14.61
N GLU B 72 9.98 7.03 15.47
CA GLU B 72 11.04 6.16 14.96
C GLU B 72 10.45 4.95 14.24
N VAL B 73 9.48 4.27 14.86
CA VAL B 73 8.98 3.04 14.27
C VAL B 73 8.21 3.33 12.99
N ASN B 74 7.53 4.48 12.90
CA ASN B 74 6.81 4.81 11.67
C ASN B 74 7.75 5.20 10.53
N TYR B 75 8.68 6.13 10.78
CA TYR B 75 9.62 6.48 9.72
C TYR B 75 10.41 5.27 9.23
N THR B 76 11.00 4.48 10.13
CA THR B 76 11.86 3.40 9.65
C THR B 76 11.05 2.31 8.95
N GLN B 77 9.84 2.02 9.41
CA GLN B 77 9.08 0.97 8.73
C GLN B 77 8.49 1.47 7.41
N LEU B 78 8.19 2.77 7.29
CA LEU B 78 7.79 3.30 5.98
C LEU B 78 8.94 3.29 4.98
N VAL B 79 10.15 3.61 5.44
CA VAL B 79 11.30 3.55 4.53
C VAL B 79 11.56 2.13 4.08
N ASP B 80 11.45 1.17 5.01
CA ASP B 80 11.67 -0.24 4.67
C ASP B 80 10.63 -0.73 3.66
N LEU B 81 9.34 -0.44 3.87
CA LEU B 81 8.30 -0.84 2.92
C LEU B 81 8.55 -0.24 1.52
N HIS B 82 8.85 1.05 1.47
CA HIS B 82 9.11 1.69 0.18
C HIS B 82 10.30 1.02 -0.51
N ALA B 83 11.36 0.71 0.23
CA ALA B 83 12.53 0.07 -0.37
C ALA B 83 12.18 -1.31 -0.91
N ARG B 84 11.29 -2.04 -0.23
CA ARG B 84 11.00 -3.40 -0.67
C ARG B 84 9.90 -3.50 -1.73
N TYR B 85 9.06 -2.48 -1.90
CA TYR B 85 7.93 -2.60 -2.83
C TYR B 85 7.87 -1.53 -3.91
N ALA B 86 8.89 -0.68 -4.05
CA ALA B 86 8.83 0.39 -5.02
C ALA B 86 8.66 -0.13 -6.46
N GLU B 87 9.33 -1.24 -6.79
CA GLU B 87 9.24 -1.73 -8.16
C GLU B 87 7.85 -2.23 -8.54
N CYS B 88 6.98 -2.57 -7.59
CA CYS B 88 5.60 -2.92 -7.92
C CYS B 88 4.64 -1.75 -7.74
N GLY B 89 5.15 -0.54 -7.54
CA GLY B 89 4.33 0.65 -7.58
C GLY B 89 3.94 1.27 -6.25
N LEU B 90 4.55 0.86 -5.13
CA LEU B 90 4.21 1.51 -3.87
C LEU B 90 4.84 2.90 -3.84
N ARG B 91 4.03 3.89 -3.46
CA ARG B 91 4.46 5.26 -3.24
C ARG B 91 3.90 5.72 -1.90
N ILE B 92 4.62 6.60 -1.22
CA ILE B 92 4.22 7.05 0.11
C ILE B 92 4.22 8.58 0.14
N LEU B 93 3.12 9.16 0.63
CA LEU B 93 2.95 10.61 0.73
C LEU B 93 2.84 10.98 2.20
N ALA B 94 3.80 11.77 2.69
CA ALA B 94 3.88 12.07 4.12
C ALA B 94 3.52 13.52 4.33
N PHE B 95 2.47 13.77 5.13
CA PHE B 95 2.06 15.16 5.42
C PHE B 95 2.41 15.52 6.86
N PRO B 96 3.39 16.39 7.08
CA PRO B 96 3.64 16.88 8.44
C PRO B 96 2.41 17.58 8.96
N CYS B 97 2.15 17.41 10.26
CA CYS B 97 0.97 17.98 10.90
C CYS B 97 1.26 18.17 12.38
N ASN B 98 1.04 19.39 12.86
CA ASN B 98 1.33 19.82 14.22
C ASN B 98 0.08 19.87 15.11
N GLN B 99 -1.01 19.18 14.75
CA GLN B 99 -2.24 19.29 15.52
C GLN B 99 -2.38 18.27 16.65
N PHE B 100 -1.34 17.47 16.95
CA PHE B 100 -1.47 16.40 17.94
C PHE B 100 -0.35 16.49 18.98
N GLY B 101 -0.65 17.17 20.09
CA GLY B 101 0.39 17.40 21.08
C GLY B 101 1.44 18.41 20.66
N LYS B 102 1.22 19.14 19.57
CA LYS B 102 2.22 20.03 18.99
C LYS B 102 3.57 19.32 18.83
N GLN B 103 3.53 18.22 18.09
CA GLN B 103 4.71 17.39 17.93
C GLN B 103 5.33 17.50 16.55
N GLU B 104 4.91 18.47 15.74
CA GLU B 104 5.62 18.85 14.51
C GLU B 104 5.75 20.37 14.47
N PRO B 105 6.54 20.96 15.38
CA PRO B 105 6.61 22.43 15.44
C PRO B 105 7.61 23.05 14.47
N GLY B 106 8.61 22.31 14.00
CA GLY B 106 9.66 22.90 13.18
C GLY B 106 9.14 23.43 11.86
N SER B 107 10.07 24.07 11.13
CA SER B 107 9.79 24.55 9.79
C SER B 107 9.92 23.40 8.78
N ASN B 108 9.44 23.64 7.56
CA ASN B 108 9.45 22.59 6.53
C ASN B 108 10.87 22.14 6.22
N GLU B 109 11.84 23.07 6.23
CA GLU B 109 13.22 22.70 5.95
C GLU B 109 13.83 21.88 7.09
N GLU B 110 13.51 22.23 8.35
CA GLU B 110 13.92 21.39 9.48
C GLU B 110 13.26 20.01 9.42
N ILE B 111 12.01 19.96 8.97
CA ILE B 111 11.33 18.67 8.84
C ILE B 111 11.96 17.86 7.71
N LYS B 112 12.28 18.51 6.59
CA LYS B 112 12.96 17.82 5.50
C LYS B 112 14.29 17.21 5.97
N GLU B 113 15.08 17.99 6.71
CA GLU B 113 16.36 17.47 7.18
C GLU B 113 16.17 16.30 8.13
N PHE B 114 15.17 16.42 9.02
CA PHE B 114 14.85 15.31 9.92
C PHE B 114 14.56 14.02 9.15
N ALA B 115 13.67 14.09 8.16
CA ALA B 115 13.33 12.91 7.37
C ALA B 115 14.54 12.32 6.66
N ALA B 116 15.45 13.19 6.19
CA ALA B 116 16.63 12.68 5.49
C ALA B 116 17.49 11.80 6.40
N GLY B 117 17.51 12.10 7.70
CA GLY B 117 18.22 11.27 8.65
C GLY B 117 17.69 9.85 8.76
N TYR B 118 16.43 9.62 8.38
CA TYR B 118 15.93 8.26 8.24
C TYR B 118 16.14 7.72 6.83
N ASN B 119 16.74 8.50 5.93
CA ASN B 119 16.98 8.11 4.54
C ASN B 119 15.66 7.91 3.79
N VAL B 120 14.70 8.79 4.10
CA VAL B 120 13.42 8.77 3.41
C VAL B 120 13.62 9.08 1.94
N LYS B 121 13.06 8.24 1.07
CA LYS B 121 13.08 8.49 -0.36
C LYS B 121 11.68 8.64 -0.96
N PHE B 122 10.63 8.51 -0.16
CA PHE B 122 9.26 8.73 -0.64
C PHE B 122 9.01 10.24 -0.63
N ASP B 123 7.76 10.68 -0.75
CA ASP B 123 7.48 12.10 -1.03
C ASP B 123 7.01 12.82 0.22
N MET B 124 7.77 13.84 0.63
CA MET B 124 7.44 14.68 1.77
C MET B 124 6.74 15.93 1.29
N PHE B 125 5.66 16.29 1.97
CA PHE B 125 4.86 17.47 1.64
C PHE B 125 5.00 18.51 2.75
N SER B 126 4.56 19.73 2.44
CA SER B 126 4.61 20.79 3.42
C SER B 126 3.59 20.52 4.53
N LYS B 127 3.89 21.03 5.72
CA LYS B 127 3.01 20.90 6.88
C LYS B 127 1.63 21.47 6.55
N ILE B 128 0.59 20.76 7.02
CA ILE B 128 -0.81 21.12 6.81
C ILE B 128 -1.58 20.83 8.10
N CYS B 129 -2.85 21.21 8.10
CA CYS B 129 -3.80 20.69 9.06
C CYS B 129 -4.59 19.56 8.41
N VAL B 130 -4.96 18.56 9.23
CA VAL B 130 -5.79 17.44 8.79
C VAL B 130 -7.21 17.52 9.33
N ASN B 131 -7.45 18.26 10.41
CA ASN B 131 -8.75 18.42 11.01
C ASN B 131 -9.14 19.89 11.02
N GLY B 132 -10.43 20.16 11.16
CA GLY B 132 -10.91 21.54 11.24
C GLY B 132 -11.20 22.17 9.89
N ASP B 133 -11.58 23.45 9.95
CA ASP B 133 -12.18 24.10 8.78
C ASP B 133 -11.16 24.43 7.69
N ASP B 134 -9.90 24.66 8.03
CA ASP B 134 -8.87 24.91 7.04
C ASP B 134 -7.99 23.69 6.78
N ALA B 135 -8.45 22.50 7.18
CA ALA B 135 -7.74 21.27 6.85
C ALA B 135 -7.58 21.15 5.34
N HIS B 136 -6.52 20.46 4.92
CA HIS B 136 -6.26 20.30 3.50
C HIS B 136 -7.39 19.49 2.86
N PRO B 137 -7.93 19.93 1.71
CA PRO B 137 -9.11 19.25 1.12
C PRO B 137 -8.92 17.77 0.83
N LEU B 138 -7.72 17.34 0.47
CA LEU B 138 -7.48 15.90 0.30
C LEU B 138 -7.78 15.14 1.57
N TRP B 139 -7.37 15.68 2.71
CA TRP B 139 -7.67 15.03 3.99
C TRP B 139 -9.17 15.12 4.32
N LYS B 140 -9.79 16.27 4.04
CA LYS B 140 -11.25 16.37 4.18
C LYS B 140 -11.93 15.25 3.41
N TRP B 141 -11.49 15.04 2.16
CA TRP B 141 -12.10 14.03 1.32
C TRP B 141 -11.86 12.63 1.87
N MET B 142 -10.63 12.34 2.32
CA MET B 142 -10.34 10.97 2.72
C MET B 142 -11.19 10.56 3.91
N LYS B 143 -11.41 11.50 4.83
CA LYS B 143 -12.14 11.19 6.05
C LYS B 143 -13.58 10.79 5.77
N ILE B 144 -14.17 11.26 4.66
CA ILE B 144 -15.55 10.91 4.37
C ILE B 144 -15.70 9.70 3.47
N GLN B 145 -14.60 9.13 2.95
CA GLN B 145 -14.74 7.95 2.10
C GLN B 145 -15.27 6.77 2.91
N PRO B 146 -15.99 5.84 2.27
CA PRO B 146 -16.58 4.71 3.02
C PRO B 146 -15.57 3.89 3.80
N LYS B 147 -14.37 3.68 3.25
CA LYS B 147 -13.33 2.95 3.94
C LYS B 147 -12.35 3.84 4.67
N GLY B 148 -12.65 5.14 4.80
CA GLY B 148 -11.76 6.04 5.53
C GLY B 148 -12.32 6.58 6.83
N LYS B 149 -13.34 5.92 7.38
CA LYS B 149 -14.02 6.44 8.55
C LYS B 149 -13.33 6.02 9.85
N GLY B 150 -13.49 6.86 10.86
CA GLY B 150 -12.96 6.61 12.16
C GLY B 150 -14.04 6.26 13.18
N ILE B 151 -13.67 6.36 14.44
CA ILE B 151 -14.53 6.03 15.57
C ILE B 151 -14.71 7.30 16.37
N LEU B 152 -15.96 7.57 16.78
CA LEU B 152 -16.33 8.86 17.35
C LEU B 152 -15.99 10.00 16.39
N GLY B 153 -16.54 9.91 15.17
CA GLY B 153 -16.23 10.84 14.12
C GLY B 153 -15.07 10.38 13.27
N ASN B 154 -14.92 11.03 12.12
CA ASN B 154 -13.91 10.67 11.15
C ASN B 154 -12.62 11.45 11.32
N ALA B 155 -12.60 12.43 12.22
CA ALA B 155 -11.43 13.25 12.48
C ALA B 155 -10.21 12.37 12.74
N ILE B 156 -9.05 12.85 12.30
CA ILE B 156 -7.80 12.18 12.62
C ILE B 156 -7.55 12.32 14.10
N LYS B 157 -7.21 11.22 14.76
CA LYS B 157 -7.12 11.19 16.22
C LYS B 157 -5.72 11.44 16.76
N TRP B 158 -4.67 11.01 16.07
CA TRP B 158 -3.31 11.24 16.55
C TRP B 158 -2.33 11.14 15.39
N ASN B 159 -1.04 11.33 15.69
CA ASN B 159 0.01 11.27 14.67
C ASN B 159 0.05 9.91 14.00
N PHE B 160 0.49 9.89 12.74
CA PHE B 160 0.74 8.64 12.00
C PHE B 160 -0.53 7.79 11.84
N THR B 161 -1.64 8.43 11.49
CA THR B 161 -2.75 7.70 10.89
C THR B 161 -2.39 7.46 9.43
N LYS B 162 -2.80 6.32 8.88
CA LYS B 162 -2.39 5.89 7.53
C LYS B 162 -3.63 5.52 6.71
N PHE B 163 -3.68 5.99 5.47
CA PHE B 163 -4.70 5.57 4.49
C PHE B 163 -4.02 4.86 3.34
N LEU B 164 -4.59 3.75 2.90
CA LEU B 164 -4.15 3.04 1.70
C LEU B 164 -5.00 3.48 0.51
N ILE B 165 -4.34 3.92 -0.55
CA ILE B 165 -5.00 4.42 -1.75
C ILE B 165 -4.72 3.42 -2.87
N ASP B 166 -5.75 3.09 -3.66
CA ASP B 166 -5.54 2.17 -4.79
C ASP B 166 -5.10 2.95 -6.02
N LYS B 167 -4.85 2.21 -7.12
CA LYS B 167 -4.27 2.79 -8.34
C LYS B 167 -5.20 3.78 -9.02
N ASN B 168 -6.49 3.76 -8.69
CA ASN B 168 -7.45 4.72 -9.21
C ASN B 168 -7.56 5.96 -8.33
N GLY B 169 -6.84 6.00 -7.21
CA GLY B 169 -6.97 7.11 -6.28
C GLY B 169 -8.08 6.96 -5.26
N CYS B 170 -8.62 5.75 -5.09
CA CYS B 170 -9.69 5.54 -4.12
C CYS B 170 -9.10 5.04 -2.81
N VAL B 171 -9.69 5.51 -1.70
CA VAL B 171 -9.33 4.99 -0.39
C VAL B 171 -9.86 3.57 -0.27
N VAL B 172 -9.01 2.65 0.14
CA VAL B 172 -9.46 1.28 0.39
C VAL B 172 -9.28 0.86 1.84
N LYS B 173 -8.48 1.55 2.66
CA LYS B 173 -8.37 1.20 4.07
C LYS B 173 -7.74 2.34 4.86
N ARG B 174 -8.05 2.36 6.15
CA ARG B 174 -7.53 3.32 7.10
C ARG B 174 -6.90 2.59 8.28
N TYR B 175 -5.65 2.91 8.60
CA TYR B 175 -4.94 2.31 9.72
C TYR B 175 -4.75 3.30 10.87
N GLY B 176 -4.76 2.80 12.10
CA GLY B 176 -4.75 3.63 13.28
C GLY B 176 -3.37 4.18 13.60
N PRO B 177 -3.35 5.16 14.52
CA PRO B 177 -2.08 5.83 14.86
C PRO B 177 -1.05 4.94 15.54
N MET B 178 -1.47 3.88 16.22
CA MET B 178 -0.55 3.00 16.94
C MET B 178 -0.21 1.74 16.16
N GLU B 179 -0.83 1.54 15.01
CA GLU B 179 -0.52 0.38 14.18
C GLU B 179 0.80 0.60 13.45
N GLU B 180 1.74 -0.32 13.61
CA GLU B 180 3.01 -0.20 12.91
C GLU B 180 2.78 -0.28 11.41
N PRO B 181 3.49 0.51 10.60
CA PRO B 181 3.33 0.42 9.15
C PRO B 181 3.44 -1.00 8.61
N LEU B 182 4.23 -1.87 9.25
CA LEU B 182 4.42 -3.21 8.70
C LEU B 182 3.13 -4.00 8.64
N VAL B 183 2.08 -3.62 9.40
CA VAL B 183 0.84 -4.37 9.29
C VAL B 183 0.16 -4.10 7.96
N ILE B 184 0.52 -3.00 7.29
CA ILE B 184 -0.08 -2.72 5.99
C ILE B 184 0.38 -3.74 4.97
N GLU B 185 1.57 -4.32 5.17
CA GLU B 185 2.23 -5.08 4.13
C GLU B 185 1.37 -6.25 3.67
N LYS B 186 0.65 -6.89 4.58
CA LYS B 186 -0.17 -8.03 4.19
C LYS B 186 -1.28 -7.65 3.22
N ASP B 187 -1.63 -6.36 3.10
CA ASP B 187 -2.74 -5.95 2.24
C ASP B 187 -2.31 -5.39 0.89
N LEU B 188 -1.03 -5.02 0.74
CA LEU B 188 -0.57 -4.44 -0.52
C LEU B 188 -0.71 -5.35 -1.75
N PRO B 189 -0.42 -6.65 -1.69
CA PRO B 189 -0.42 -7.45 -2.94
C PRO B 189 -1.76 -7.52 -3.64
N HIS B 190 -2.88 -7.47 -2.92
CA HIS B 190 -4.17 -7.47 -3.61
C HIS B 190 -4.35 -6.26 -4.51
N TYR B 191 -3.61 -5.17 -4.28
CA TYR B 191 -3.85 -3.92 -4.98
C TYR B 191 -2.79 -3.55 -5.99
N PHE B 192 -1.61 -4.18 -5.96
CA PHE B 192 -0.58 -3.88 -6.94
C PHE B 192 -1.09 -4.07 -8.38
N ASP C 28 4.52 -17.15 -3.04
CA ASP C 28 5.48 -16.16 -3.51
C ASP C 28 5.75 -15.10 -2.44
N ASP C 29 5.35 -15.43 -1.20
CA ASP C 29 5.66 -14.57 -0.06
C ASP C 29 7.16 -14.35 0.09
N TRP C 30 7.96 -15.36 -0.28
CA TRP C 30 9.40 -15.31 -0.06
C TRP C 30 10.08 -14.14 -0.77
N ARG C 31 9.49 -13.61 -1.84
CA ARG C 31 10.19 -12.60 -2.63
C ARG C 31 10.44 -11.30 -1.85
N CYS C 32 9.61 -10.97 -0.85
CA CYS C 32 9.77 -9.70 -0.15
C CYS C 32 10.04 -9.86 1.35
N ALA C 33 10.42 -11.05 1.81
CA ALA C 33 10.69 -11.24 3.23
C ALA C 33 11.95 -10.47 3.66
N ARG C 34 12.05 -10.22 4.96
CA ARG C 34 13.09 -9.35 5.50
C ARG C 34 14.33 -10.10 5.97
N SER C 35 14.19 -11.35 6.39
CA SER C 35 15.30 -12.03 7.05
C SER C 35 15.00 -13.52 7.13
N MET C 36 16.08 -14.28 7.36
CA MET C 36 15.97 -15.73 7.52
C MET C 36 14.97 -16.11 8.59
N HIS C 37 14.80 -15.25 9.59
CA HIS C 37 13.94 -15.56 10.74
C HIS C 37 12.47 -15.72 10.36
N GLU C 38 12.07 -15.29 9.16
CA GLU C 38 10.69 -15.46 8.70
C GLU C 38 10.41 -16.84 8.14
N PHE C 39 11.42 -17.71 8.03
CA PHE C 39 11.26 -18.97 7.35
C PHE C 39 11.27 -20.14 8.33
N SER C 40 10.91 -21.31 7.81
CA SER C 40 10.92 -22.55 8.56
C SER C 40 11.45 -23.65 7.66
N ALA C 41 12.04 -24.68 8.26
CA ALA C 41 12.53 -25.82 7.51
C ALA C 41 12.47 -27.04 8.40
N LYS C 42 12.33 -28.22 7.78
CA LYS C 42 12.25 -29.45 8.55
C LYS C 42 13.66 -30.02 8.76
N ASP C 43 13.99 -30.30 10.03
CA ASP C 43 15.30 -30.83 10.36
C ASP C 43 15.43 -32.25 9.80
N ILE C 44 16.63 -32.83 9.96
CA ILE C 44 16.90 -34.11 9.33
C ILE C 44 16.12 -35.25 9.98
N ASP C 45 15.54 -35.01 11.16
CA ASP C 45 14.67 -35.96 11.80
C ASP C 45 13.20 -35.79 11.39
N GLY C 46 12.93 -34.94 10.40
CA GLY C 46 11.58 -34.71 9.96
C GLY C 46 10.79 -33.70 10.77
N HIS C 47 11.38 -33.09 11.78
CA HIS C 47 10.67 -32.15 12.63
C HIS C 47 10.82 -30.74 12.10
N MET C 48 9.72 -30.01 12.05
CA MET C 48 9.76 -28.64 11.55
C MET C 48 10.52 -27.74 12.51
N VAL C 49 11.34 -26.85 11.97
CA VAL C 49 12.12 -25.91 12.76
C VAL C 49 11.74 -24.51 12.33
N ASN C 50 11.43 -23.67 13.30
CA ASN C 50 11.20 -22.26 13.07
C ASN C 50 12.55 -21.55 13.12
N LEU C 51 12.95 -20.92 12.03
CA LEU C 51 14.31 -20.44 11.93
C LEU C 51 14.55 -19.15 12.70
N ASP C 52 13.54 -18.58 13.35
CA ASP C 52 13.82 -17.37 14.13
C ASP C 52 14.45 -17.70 15.48
N LYS C 53 14.60 -18.97 15.84
CA LYS C 53 15.40 -19.33 17.00
C LYS C 53 16.88 -19.02 16.79
N TYR C 54 17.31 -18.63 15.59
CA TYR C 54 18.67 -18.21 15.32
C TYR C 54 18.87 -16.70 15.46
N ARG C 55 17.82 -15.94 15.74
CA ARG C 55 17.98 -14.52 15.99
C ARG C 55 18.95 -14.30 17.15
N GLY C 56 19.86 -13.35 16.98
CA GLY C 56 20.94 -13.14 17.93
C GLY C 56 22.20 -13.96 17.68
N PHE C 57 22.20 -14.88 16.71
CA PHE C 57 23.36 -15.69 16.39
C PHE C 57 23.82 -15.44 14.95
N VAL C 58 25.13 -15.45 14.76
CA VAL C 58 25.72 -15.47 13.42
C VAL C 58 25.69 -16.90 12.90
N CYS C 59 25.16 -17.09 11.68
CA CYS C 59 24.93 -18.42 11.14
C CYS C 59 25.62 -18.62 9.80
N ILE C 60 26.01 -19.86 9.56
CA ILE C 60 26.51 -20.29 8.25
C ILE C 60 25.51 -21.29 7.71
N VAL C 61 24.93 -20.98 6.56
CA VAL C 61 23.97 -21.84 5.87
C VAL C 61 24.67 -22.41 4.66
N THR C 62 24.61 -23.74 4.48
CA THR C 62 25.36 -24.40 3.44
C THR C 62 24.57 -25.58 2.87
N ASN C 63 24.76 -25.87 1.57
CA ASN C 63 24.19 -27.08 0.96
C ASN C 63 25.28 -28.16 0.93
N VAL C 64 25.02 -29.30 1.56
CA VAL C 64 26.04 -30.34 1.73
C VAL C 64 25.73 -31.54 0.85
N ALA C 65 26.76 -32.34 0.61
CA ALA C 65 26.65 -33.59 -0.14
C ALA C 65 27.65 -34.60 0.43
N SER C 66 27.31 -35.89 0.34
CA SER C 66 28.12 -36.94 0.93
C SER C 66 29.21 -37.45 -0.01
N GLN C 67 28.99 -37.39 -1.32
CA GLN C 67 29.89 -38.00 -2.31
C GLN C 67 30.69 -36.96 -3.09
N CYS C 68 30.88 -35.76 -2.53
CA CYS C 68 31.66 -34.74 -3.23
C CYS C 68 33.14 -34.90 -2.91
N GLY C 69 33.99 -34.51 -3.86
CA GLY C 69 35.43 -34.52 -3.59
C GLY C 69 35.79 -33.65 -2.40
N LYS C 70 35.02 -32.59 -2.16
CA LYS C 70 35.25 -31.66 -1.06
C LYS C 70 34.32 -31.90 0.11
N THR C 71 33.65 -33.04 0.15
CA THR C 71 32.85 -33.42 1.32
C THR C 71 33.69 -33.43 2.59
N GLU C 72 34.91 -33.96 2.51
CA GLU C 72 35.72 -34.18 3.70
C GLU C 72 36.24 -32.87 4.28
N VAL C 73 36.79 -31.99 3.43
CA VAL C 73 37.33 -30.75 3.99
C VAL C 73 36.21 -29.85 4.51
N ASN C 74 35.03 -29.86 3.87
CA ASN C 74 33.97 -28.96 4.32
C ASN C 74 33.37 -29.41 5.63
N TYR C 75 33.09 -30.71 5.78
CA TYR C 75 32.54 -31.21 7.04
C TYR C 75 33.52 -31.03 8.19
N THR C 76 34.78 -31.48 8.03
CA THR C 76 35.74 -31.39 9.13
C THR C 76 35.98 -29.94 9.55
N GLN C 77 36.02 -29.02 8.58
CA GLN C 77 36.29 -27.63 8.91
C GLN C 77 35.11 -26.93 9.54
N LEU C 78 33.89 -27.29 9.14
CA LEU C 78 32.69 -26.71 9.76
C LEU C 78 32.54 -27.20 11.19
N VAL C 79 32.85 -28.47 11.44
CA VAL C 79 32.84 -28.99 12.81
C VAL C 79 33.84 -28.22 13.68
N ASP C 80 35.04 -27.99 13.16
CA ASP C 80 36.04 -27.18 13.86
C ASP C 80 35.51 -25.78 14.18
N LEU C 81 35.11 -25.03 13.15
CA LEU C 81 34.62 -23.67 13.35
C LEU C 81 33.48 -23.63 14.36
N HIS C 82 32.61 -24.64 14.34
CA HIS C 82 31.52 -24.73 15.30
C HIS C 82 32.03 -24.94 16.72
N ALA C 83 33.09 -25.75 16.87
CA ALA C 83 33.65 -26.00 18.21
C ALA C 83 34.43 -24.80 18.71
N ARG C 84 35.14 -24.09 17.83
CA ARG C 84 35.96 -22.95 18.24
C ARG C 84 35.13 -21.76 18.70
N TYR C 85 33.98 -21.50 18.05
CA TYR C 85 33.24 -20.26 18.28
C TYR C 85 31.88 -20.49 18.93
N ALA C 86 31.69 -21.64 19.59
CA ALA C 86 30.44 -21.90 20.30
C ALA C 86 30.12 -20.81 21.31
N GLU C 87 31.14 -20.19 21.92
CA GLU C 87 30.89 -19.19 22.95
C GLU C 87 30.32 -17.90 22.36
N CYS C 88 30.77 -17.52 21.17
CA CYS C 88 30.14 -16.39 20.47
C CYS C 88 28.85 -16.77 19.76
N GLY C 89 28.38 -18.00 19.91
CA GLY C 89 27.13 -18.37 19.29
C GLY C 89 27.16 -18.52 17.78
N LEU C 90 28.21 -19.11 17.22
CA LEU C 90 28.18 -19.49 15.82
C LEU C 90 27.25 -20.70 15.65
N ARG C 91 26.30 -20.58 14.75
CA ARG C 91 25.46 -21.72 14.41
C ARG C 91 25.70 -22.09 12.95
N ILE C 92 25.50 -23.36 12.62
CA ILE C 92 25.65 -23.82 11.25
C ILE C 92 24.41 -24.63 10.87
N LEU C 93 23.85 -24.32 9.68
CA LEU C 93 22.66 -24.99 9.16
C LEU C 93 23.05 -25.69 7.86
N ALA C 94 22.99 -27.02 7.86
CA ALA C 94 23.40 -27.82 6.72
C ALA C 94 22.18 -28.44 6.05
N PHE C 95 22.00 -28.12 4.76
CA PHE C 95 20.90 -28.65 3.95
C PHE C 95 21.46 -29.61 2.91
N PRO C 96 21.21 -30.91 3.04
CA PRO C 96 21.63 -31.85 1.98
C PRO C 96 20.91 -31.53 0.69
N CYS C 97 21.60 -31.76 -0.42
CA CYS C 97 21.03 -31.47 -1.73
C CYS C 97 21.66 -32.34 -2.79
N ASN C 98 20.81 -32.96 -3.61
CA ASN C 98 21.24 -33.93 -4.61
C ASN C 98 21.30 -33.35 -6.02
N GLN C 99 21.20 -32.02 -6.19
CA GLN C 99 21.12 -31.44 -7.53
C GLN C 99 22.47 -31.28 -8.22
N PHE C 100 23.58 -31.58 -7.55
CA PHE C 100 24.89 -31.31 -8.13
C PHE C 100 25.67 -32.62 -8.30
N GLY C 101 25.61 -33.18 -9.51
CA GLY C 101 26.25 -34.46 -9.75
C GLY C 101 25.57 -35.61 -9.05
N LYS C 102 24.33 -35.43 -8.61
CA LYS C 102 23.63 -36.29 -7.67
C LYS C 102 24.63 -36.92 -6.70
N GLN C 103 25.22 -36.07 -5.85
CA GLN C 103 26.21 -36.51 -4.88
C GLN C 103 25.64 -36.54 -3.47
N GLU C 104 24.31 -36.48 -3.33
CA GLU C 104 23.62 -36.73 -2.07
C GLU C 104 22.43 -37.66 -2.29
N PRO C 105 22.67 -38.86 -2.85
CA PRO C 105 21.54 -39.72 -3.23
C PRO C 105 20.85 -40.42 -2.07
N GLY C 106 21.53 -40.60 -0.93
CA GLY C 106 20.98 -41.39 0.16
C GLY C 106 19.78 -40.76 0.82
N SER C 107 19.20 -41.51 1.76
CA SER C 107 18.03 -41.08 2.50
C SER C 107 18.45 -40.20 3.67
N ASN C 108 17.45 -39.59 4.32
CA ASN C 108 17.73 -38.65 5.40
C ASN C 108 18.40 -39.34 6.59
N GLU C 109 18.01 -40.59 6.89
CA GLU C 109 18.66 -41.27 8.01
C GLU C 109 20.07 -41.71 7.63
N GLU C 110 20.27 -42.14 6.38
CA GLU C 110 21.62 -42.42 5.91
C GLU C 110 22.50 -41.16 5.94
N ILE C 111 21.94 -40.01 5.57
CA ILE C 111 22.70 -38.76 5.63
C ILE C 111 23.01 -38.39 7.08
N LYS C 112 22.02 -38.57 7.98
CA LYS C 112 22.25 -38.32 9.40
C LYS C 112 23.35 -39.20 9.97
N GLU C 113 23.35 -40.48 9.62
CA GLU C 113 24.41 -41.37 10.06
C GLU C 113 25.75 -41.00 9.41
N PHE C 114 25.73 -40.52 8.18
CA PHE C 114 26.98 -40.08 7.56
C PHE C 114 27.57 -38.90 8.31
N ALA C 115 26.74 -37.92 8.69
CA ALA C 115 27.27 -36.76 9.39
C ALA C 115 27.84 -37.13 10.76
N ALA C 116 27.24 -38.14 11.41
CA ALA C 116 27.70 -38.56 12.73
C ALA C 116 29.15 -39.01 12.70
N GLY C 117 29.59 -39.62 11.61
CA GLY C 117 30.98 -40.01 11.46
C GLY C 117 31.95 -38.85 11.47
N TYR C 118 31.48 -37.63 11.24
CA TYR C 118 32.30 -36.45 11.43
C TYR C 118 32.05 -35.78 12.78
N ASN C 119 31.27 -36.42 13.65
CA ASN C 119 30.87 -35.87 14.93
C ASN C 119 30.33 -34.44 14.79
N VAL C 120 29.40 -34.29 13.86
CA VAL C 120 28.70 -33.02 13.67
C VAL C 120 27.86 -32.75 14.91
N LYS C 121 27.98 -31.53 15.45
CA LYS C 121 27.05 -31.05 16.46
C LYS C 121 26.19 -29.87 15.99
N PHE C 122 26.41 -29.34 14.78
CA PHE C 122 25.52 -28.30 14.28
C PHE C 122 24.23 -28.95 13.81
N ASP C 123 23.42 -28.21 13.06
CA ASP C 123 22.05 -28.58 12.78
C ASP C 123 21.92 -29.13 11.36
N MET C 124 21.55 -30.41 11.25
CA MET C 124 21.29 -31.05 9.97
C MET C 124 19.81 -30.97 9.63
N PHE C 125 19.51 -30.62 8.38
CA PHE C 125 18.15 -30.51 7.90
C PHE C 125 17.85 -31.58 6.86
N SER C 126 16.56 -31.80 6.60
CA SER C 126 16.18 -32.77 5.58
C SER C 126 16.57 -32.28 4.20
N LYS C 127 16.73 -33.24 3.28
CA LYS C 127 17.15 -32.93 1.92
C LYS C 127 16.12 -32.04 1.23
N ILE C 128 16.62 -31.04 0.50
CA ILE C 128 15.82 -30.08 -0.24
C ILE C 128 16.44 -29.93 -1.62
N CYS C 129 15.75 -29.17 -2.47
CA CYS C 129 16.32 -28.57 -3.66
C CYS C 129 16.71 -27.13 -3.35
N VAL C 130 17.81 -26.65 -3.95
CA VAL C 130 18.21 -25.25 -3.81
C VAL C 130 17.98 -24.41 -5.07
N ASN C 131 17.85 -25.03 -6.26
CA ASN C 131 17.65 -24.32 -7.52
C ASN C 131 16.33 -24.76 -8.18
N GLY C 132 15.77 -23.87 -9.01
CA GLY C 132 14.58 -24.20 -9.76
C GLY C 132 13.29 -23.90 -9.01
N ASP C 133 12.17 -24.29 -9.63
CA ASP C 133 10.86 -23.86 -9.16
C ASP C 133 10.50 -24.48 -7.81
N ASP C 134 11.04 -25.65 -7.49
CA ASP C 134 10.73 -26.35 -6.25
C ASP C 134 11.78 -26.15 -5.17
N ALA C 135 12.64 -25.14 -5.30
CA ALA C 135 13.62 -24.89 -4.25
C ALA C 135 12.94 -24.42 -2.98
N HIS C 136 13.54 -24.77 -1.85
CA HIS C 136 13.01 -24.34 -0.56
C HIS C 136 12.97 -22.82 -0.50
N PRO C 137 11.89 -22.22 0.03
CA PRO C 137 11.76 -20.76 0.01
C PRO C 137 12.94 -20.01 0.62
N LEU C 138 13.62 -20.59 1.61
CA LEU C 138 14.79 -19.92 2.20
C LEU C 138 15.88 -19.75 1.16
N TRP C 139 16.09 -20.75 0.31
CA TRP C 139 17.19 -20.65 -0.65
C TRP C 139 16.85 -19.72 -1.80
N LYS C 140 15.60 -19.74 -2.28
CA LYS C 140 15.11 -18.71 -3.21
C LYS C 140 15.34 -17.31 -2.68
N TRP C 141 15.06 -17.10 -1.39
CA TRP C 141 15.21 -15.78 -0.78
C TRP C 141 16.68 -15.37 -0.67
N MET C 142 17.55 -16.27 -0.19
CA MET C 142 18.96 -15.92 -0.02
C MET C 142 19.59 -15.49 -1.35
N LYS C 143 19.14 -16.08 -2.47
CA LYS C 143 19.75 -15.82 -3.76
C LYS C 143 19.37 -14.45 -4.34
N ILE C 144 18.32 -13.81 -3.84
CA ILE C 144 17.98 -12.46 -4.29
C ILE C 144 18.38 -11.39 -3.29
N GLN C 145 19.12 -11.77 -2.21
CA GLN C 145 19.67 -10.78 -1.30
C GLN C 145 20.87 -10.08 -1.94
N PRO C 146 21.07 -8.79 -1.63
CA PRO C 146 22.17 -8.05 -2.27
C PRO C 146 23.53 -8.71 -2.06
N LYS C 147 23.86 -9.09 -0.82
CA LYS C 147 25.12 -9.76 -0.54
C LYS C 147 25.10 -11.24 -0.90
N GLY C 148 24.02 -11.73 -1.51
CA GLY C 148 23.91 -13.16 -1.72
C GLY C 148 24.02 -13.56 -3.17
N LYS C 149 24.57 -12.67 -3.99
CA LYS C 149 24.55 -12.86 -5.43
C LYS C 149 25.75 -13.67 -5.89
N GLY C 150 25.55 -14.38 -6.99
CA GLY C 150 26.64 -14.99 -7.72
C GLY C 150 27.08 -14.08 -8.83
N ILE C 151 27.78 -14.65 -9.81
CA ILE C 151 28.26 -13.91 -10.96
C ILE C 151 27.37 -14.20 -12.17
N LEU C 152 27.60 -15.35 -12.83
CA LEU C 152 26.80 -15.74 -13.98
C LEU C 152 25.45 -16.25 -13.47
N GLY C 153 24.60 -15.31 -13.05
CA GLY C 153 23.36 -15.64 -12.37
C GLY C 153 23.59 -15.89 -10.89
N ASN C 154 22.49 -15.95 -10.14
CA ASN C 154 22.57 -16.15 -8.70
C ASN C 154 22.30 -17.59 -8.27
N ALA C 155 21.99 -18.48 -9.20
CA ALA C 155 21.76 -19.90 -8.90
C ALA C 155 22.94 -20.49 -8.12
N ILE C 156 22.64 -21.44 -7.23
CA ILE C 156 23.70 -22.22 -6.59
C ILE C 156 24.41 -23.02 -7.67
N LYS C 157 25.75 -23.01 -7.64
CA LYS C 157 26.48 -23.61 -8.76
C LYS C 157 26.99 -25.02 -8.48
N TRP C 158 27.21 -25.40 -7.22
CA TRP C 158 27.72 -26.74 -6.91
C TRP C 158 27.54 -26.96 -5.41
N ASN C 159 27.98 -28.13 -4.94
CA ASN C 159 27.86 -28.45 -3.51
C ASN C 159 28.68 -27.47 -2.67
N PHE C 160 28.21 -27.23 -1.44
CA PHE C 160 28.95 -26.47 -0.43
C PHE C 160 29.17 -25.01 -0.83
N THR C 161 28.12 -24.39 -1.36
CA THR C 161 28.03 -22.94 -1.26
C THR C 161 27.73 -22.59 0.20
N LYS C 162 28.24 -21.44 0.64
CA LYS C 162 28.09 -21.00 2.03
C LYS C 162 27.53 -19.59 2.09
N PHE C 163 26.50 -19.38 2.91
CA PHE C 163 25.94 -18.05 3.16
C PHE C 163 26.18 -17.69 4.62
N LEU C 164 26.76 -16.52 4.86
CA LEU C 164 26.93 -16.01 6.22
C LEU C 164 25.78 -15.07 6.55
N ILE C 165 25.11 -15.34 7.67
CA ILE C 165 23.90 -14.65 8.11
C ILE C 165 24.21 -13.93 9.42
N ASP C 166 23.99 -12.61 9.46
CA ASP C 166 24.21 -11.85 10.69
C ASP C 166 23.05 -12.07 11.67
N LYS C 167 23.14 -11.38 12.82
CA LYS C 167 22.21 -11.65 13.93
C LYS C 167 20.77 -11.35 13.54
N ASN C 168 20.53 -10.28 12.78
CA ASN C 168 19.17 -9.94 12.39
C ASN C 168 18.62 -10.85 11.30
N GLY C 169 19.39 -11.82 10.83
CA GLY C 169 18.93 -12.73 9.81
C GLY C 169 19.11 -12.23 8.40
N CYS C 170 20.00 -11.25 8.18
CA CYS C 170 20.27 -10.75 6.85
C CYS C 170 21.49 -11.45 6.28
N VAL C 171 21.46 -11.73 4.97
CA VAL C 171 22.65 -12.25 4.30
C VAL C 171 23.72 -11.17 4.29
N VAL C 172 24.92 -11.49 4.75
CA VAL C 172 26.02 -10.55 4.72
C VAL C 172 27.15 -10.97 3.80
N LYS C 173 27.31 -12.26 3.48
CA LYS C 173 28.30 -12.70 2.51
C LYS C 173 27.94 -14.08 1.98
N ARG C 174 28.42 -14.38 0.77
CA ARG C 174 28.28 -15.67 0.12
C ARG C 174 29.66 -16.17 -0.32
N TYR C 175 29.94 -17.45 -0.09
CA TYR C 175 31.21 -18.08 -0.48
C TYR C 175 30.97 -19.25 -1.43
N GLY C 176 31.80 -19.37 -2.45
CA GLY C 176 31.58 -20.35 -3.51
C GLY C 176 31.94 -21.76 -3.11
N PRO C 177 31.58 -22.71 -3.98
CA PRO C 177 31.81 -24.14 -3.67
C PRO C 177 33.27 -24.52 -3.47
N MET C 178 34.22 -23.77 -4.02
CA MET C 178 35.64 -24.07 -3.87
C MET C 178 36.30 -23.43 -2.65
N GLU C 179 35.60 -22.54 -1.94
CA GLU C 179 36.18 -21.87 -0.79
C GLU C 179 36.01 -22.71 0.48
N GLU C 180 37.12 -23.09 1.08
CA GLU C 180 37.07 -23.87 2.31
C GLU C 180 36.41 -23.06 3.43
N PRO C 181 35.68 -23.72 4.33
CA PRO C 181 35.04 -23.01 5.45
C PRO C 181 35.97 -22.10 6.24
N LEU C 182 37.26 -22.41 6.32
CA LEU C 182 38.16 -21.57 7.11
C LEU C 182 38.34 -20.18 6.52
N VAL C 183 38.12 -19.99 5.23
CA VAL C 183 38.22 -18.62 4.72
C VAL C 183 37.14 -17.75 5.34
N ILE C 184 36.06 -18.36 5.87
CA ILE C 184 35.02 -17.58 6.54
C ILE C 184 35.50 -17.05 7.89
N GLU C 185 36.50 -17.70 8.48
CA GLU C 185 36.95 -17.30 9.81
C GLU C 185 37.40 -15.84 9.85
N LYS C 186 37.99 -15.36 8.76
CA LYS C 186 38.46 -13.97 8.72
C LYS C 186 37.32 -12.97 8.84
N ASP C 187 36.13 -13.35 8.38
CA ASP C 187 35.00 -12.42 8.33
C ASP C 187 34.12 -12.47 9.57
N LEU C 188 34.25 -13.51 10.39
CA LEU C 188 33.39 -13.63 11.58
C LEU C 188 33.57 -12.50 12.60
N PRO C 189 34.75 -11.90 12.81
CA PRO C 189 34.84 -10.82 13.81
C PRO C 189 33.91 -9.64 13.55
N HIS C 190 33.66 -9.30 12.29
CA HIS C 190 32.86 -8.13 11.96
C HIS C 190 31.38 -8.29 12.28
N TYR C 191 30.93 -9.47 12.72
CA TYR C 191 29.50 -9.72 12.93
C TYR C 191 29.18 -10.37 14.26
N PHE C 192 30.16 -10.84 15.01
CA PHE C 192 29.89 -11.36 16.33
C PHE C 192 29.50 -10.22 17.26
N ASP D 28 -13.09 17.76 21.35
CA ASP D 28 -13.28 18.14 22.75
C ASP D 28 -14.33 17.27 23.43
N ASP D 29 -15.02 17.86 24.40
CA ASP D 29 -15.87 17.09 25.31
C ASP D 29 -17.01 16.40 24.57
N TRP D 30 -17.70 17.15 23.71
CA TRP D 30 -18.91 16.66 23.06
C TRP D 30 -18.72 15.29 22.40
N ARG D 31 -17.49 14.98 21.97
CA ARG D 31 -17.22 13.77 21.21
C ARG D 31 -17.50 12.51 22.02
N CYS D 32 -17.42 12.58 23.35
CA CYS D 32 -17.52 11.41 24.22
C CYS D 32 -18.89 11.19 24.86
N ALA D 33 -19.82 12.14 24.74
CA ALA D 33 -21.11 12.02 25.42
C ALA D 33 -21.91 10.82 24.92
N ARG D 34 -22.70 10.24 25.82
CA ARG D 34 -23.49 9.05 25.53
C ARG D 34 -24.87 9.36 24.98
N SER D 35 -25.41 10.54 25.25
CA SER D 35 -26.84 10.79 24.99
C SER D 35 -27.08 12.28 24.82
N MET D 36 -28.18 12.60 24.14
CA MET D 36 -28.61 13.99 24.06
C MET D 36 -28.75 14.60 25.45
N HIS D 37 -29.14 13.78 26.44
CA HIS D 37 -29.44 14.26 27.78
C HIS D 37 -28.25 14.91 28.49
N GLU D 38 -27.04 14.77 27.96
CA GLU D 38 -25.87 15.37 28.59
C GLU D 38 -25.59 16.79 28.12
N PHE D 39 -26.34 17.32 27.17
CA PHE D 39 -26.09 18.65 26.63
C PHE D 39 -27.13 19.65 27.14
N SER D 40 -26.88 20.93 26.82
CA SER D 40 -27.75 22.02 27.19
C SER D 40 -27.80 23.03 26.05
N ALA D 41 -28.87 23.81 26.02
CA ALA D 41 -28.99 24.83 24.98
C ALA D 41 -29.93 25.92 25.45
N LYS D 42 -29.74 27.11 24.90
CA LYS D 42 -30.59 28.23 25.24
C LYS D 42 -31.86 28.17 24.41
N ASP D 43 -33.02 28.26 25.07
CA ASP D 43 -34.27 28.38 24.35
C ASP D 43 -34.33 29.75 23.67
N ILE D 44 -35.36 29.95 22.85
CA ILE D 44 -35.39 31.15 22.01
C ILE D 44 -35.59 32.42 22.84
N ASP D 45 -35.97 32.30 24.11
CA ASP D 45 -36.00 33.42 25.03
C ASP D 45 -34.65 33.70 25.68
N GLY D 46 -33.67 32.81 25.49
CA GLY D 46 -32.33 33.00 26.03
C GLY D 46 -32.05 32.22 27.30
N HIS D 47 -33.07 31.62 27.90
CA HIS D 47 -32.86 30.83 29.12
C HIS D 47 -32.20 29.50 28.79
N MET D 48 -31.25 29.10 29.61
CA MET D 48 -30.53 27.86 29.37
C MET D 48 -31.38 26.66 29.77
N VAL D 49 -31.40 25.64 28.93
CA VAL D 49 -32.26 24.48 29.10
C VAL D 49 -31.40 23.23 29.08
N ASN D 50 -31.47 22.46 30.16
CA ASN D 50 -30.77 21.18 30.23
C ASN D 50 -31.61 20.13 29.52
N LEU D 51 -31.04 19.53 28.47
CA LEU D 51 -31.80 18.64 27.60
C LEU D 51 -32.08 17.27 28.21
N ASP D 52 -31.64 17.02 29.45
CA ASP D 52 -32.02 15.77 30.11
C ASP D 52 -33.49 15.77 30.52
N LYS D 53 -34.18 16.92 30.44
CA LYS D 53 -35.61 16.93 30.66
C LYS D 53 -36.36 16.12 29.60
N TYR D 54 -35.69 15.73 28.51
CA TYR D 54 -36.35 14.98 27.45
C TYR D 54 -36.21 13.46 27.61
N ARG D 55 -35.50 12.98 28.62
CA ARG D 55 -35.43 11.54 28.86
C ARG D 55 -36.82 10.96 28.99
N GLY D 56 -37.09 9.87 28.26
CA GLY D 56 -38.40 9.28 28.25
C GLY D 56 -39.32 9.74 27.12
N PHE D 57 -38.88 10.65 26.27
CA PHE D 57 -39.67 11.12 25.15
C PHE D 57 -38.92 10.86 23.84
N VAL D 58 -39.69 10.79 22.76
CA VAL D 58 -39.13 10.65 21.42
C VAL D 58 -39.07 12.04 20.81
N CYS D 59 -37.88 12.44 20.38
CA CYS D 59 -37.61 13.79 19.91
C CYS D 59 -37.26 13.81 18.44
N ILE D 60 -37.86 14.74 17.71
CA ILE D 60 -37.34 15.20 16.42
C ILE D 60 -36.53 16.46 16.70
N VAL D 61 -35.25 16.42 16.34
CA VAL D 61 -34.37 17.58 16.43
C VAL D 61 -34.13 18.04 14.99
N THR D 62 -34.40 19.33 14.73
CA THR D 62 -34.35 19.84 13.37
C THR D 62 -33.74 21.24 13.40
N ASN D 63 -33.15 21.66 12.27
CA ASN D 63 -32.67 23.01 12.08
C ASN D 63 -33.63 23.76 11.15
N VAL D 64 -34.10 24.92 11.59
CA VAL D 64 -35.20 25.59 10.90
C VAL D 64 -34.74 26.92 10.33
N ALA D 65 -35.52 27.40 9.35
CA ALA D 65 -35.31 28.67 8.66
C ALA D 65 -36.67 29.19 8.21
N SER D 66 -36.76 30.51 8.05
CA SER D 66 -38.02 31.20 7.74
C SER D 66 -38.18 31.61 6.29
N GLN D 67 -37.10 31.86 5.57
CA GLN D 67 -37.15 32.40 4.21
C GLN D 67 -36.75 31.35 3.18
N CYS D 68 -37.14 30.10 3.46
CA CYS D 68 -36.79 28.96 2.63
C CYS D 68 -37.99 28.54 1.81
N GLY D 69 -37.73 27.90 0.67
CA GLY D 69 -38.82 27.41 -0.16
C GLY D 69 -39.62 26.28 0.45
N LYS D 70 -39.11 25.66 1.51
CA LYS D 70 -39.82 24.60 2.21
C LYS D 70 -40.11 24.96 3.67
N THR D 71 -39.93 26.23 4.05
CA THR D 71 -40.29 26.70 5.38
C THR D 71 -41.76 26.43 5.70
N GLU D 72 -42.64 26.65 4.72
CA GLU D 72 -44.07 26.49 4.95
C GLU D 72 -44.46 25.04 5.18
N VAL D 73 -43.95 24.10 4.37
CA VAL D 73 -44.39 22.73 4.50
C VAL D 73 -43.80 22.09 5.75
N ASN D 74 -42.60 22.51 6.16
CA ASN D 74 -41.99 21.93 7.35
C ASN D 74 -42.72 22.37 8.62
N TYR D 75 -42.85 23.68 8.83
CA TYR D 75 -43.55 24.16 10.03
C TYR D 75 -44.95 23.56 10.09
N THR D 76 -45.68 23.60 8.97
CA THR D 76 -47.03 23.06 8.92
C THR D 76 -47.07 21.59 9.32
N GLN D 77 -46.15 20.78 8.78
CA GLN D 77 -46.20 19.35 9.07
C GLN D 77 -45.60 19.02 10.43
N LEU D 78 -44.69 19.86 10.95
CA LEU D 78 -44.18 19.64 12.31
C LEU D 78 -45.25 20.02 13.34
N VAL D 79 -45.91 21.17 13.13
CA VAL D 79 -47.04 21.57 13.98
C VAL D 79 -48.10 20.48 13.99
N ASP D 80 -48.43 19.96 12.80
CA ASP D 80 -49.39 18.86 12.70
C ASP D 80 -48.90 17.63 13.46
N LEU D 81 -47.62 17.28 13.29
CA LEU D 81 -47.06 16.11 13.97
C LEU D 81 -47.14 16.24 15.48
N HIS D 82 -46.80 17.41 16.02
CA HIS D 82 -46.86 17.60 17.46
C HIS D 82 -48.29 17.52 17.98
N ALA D 83 -49.23 18.13 17.25
CA ALA D 83 -50.63 18.12 17.69
C ALA D 83 -51.14 16.70 17.85
N ARG D 84 -50.71 15.79 16.98
CA ARG D 84 -51.30 14.46 16.96
C ARG D 84 -50.52 13.45 17.80
N TYR D 85 -49.22 13.66 18.00
CA TYR D 85 -48.39 12.67 18.68
C TYR D 85 -47.86 13.14 20.02
N ALA D 86 -48.25 14.34 20.49
CA ALA D 86 -47.70 14.89 21.72
C ALA D 86 -47.99 13.99 22.92
N GLU D 87 -49.26 13.59 23.12
CA GLU D 87 -49.49 12.78 24.30
C GLU D 87 -49.01 11.33 24.15
N CYS D 88 -48.43 10.96 23.01
CA CYS D 88 -47.70 9.71 22.90
C CYS D 88 -46.23 9.85 23.32
N GLY D 89 -45.74 11.07 23.51
CA GLY D 89 -44.36 11.31 23.87
C GLY D 89 -43.53 12.02 22.83
N LEU D 90 -44.10 12.43 21.70
CA LEU D 90 -43.33 13.14 20.68
C LEU D 90 -43.11 14.58 21.13
N ARG D 91 -41.84 14.98 21.19
CA ARG D 91 -41.42 16.35 21.39
C ARG D 91 -40.59 16.77 20.19
N ILE D 92 -40.60 18.06 19.87
CA ILE D 92 -39.89 18.58 18.72
C ILE D 92 -39.01 19.72 19.20
N LEU D 93 -37.72 19.64 18.88
CA LEU D 93 -36.74 20.68 19.23
C LEU D 93 -36.28 21.33 17.95
N ALA D 94 -36.50 22.63 17.83
CA ALA D 94 -36.27 23.35 16.59
C ALA D 94 -35.16 24.37 16.82
N PHE D 95 -34.08 24.26 16.06
CA PHE D 95 -32.96 25.17 16.19
C PHE D 95 -32.88 26.05 14.95
N PRO D 96 -33.11 27.35 15.06
CA PRO D 96 -32.92 28.23 13.91
C PRO D 96 -31.46 28.31 13.52
N CYS D 97 -31.23 28.53 12.23
CA CYS D 97 -29.86 28.51 11.72
C CYS D 97 -29.82 29.28 10.40
N ASN D 98 -28.82 30.14 10.26
CA ASN D 98 -28.69 31.02 9.10
C ASN D 98 -27.58 30.60 8.15
N GLN D 99 -27.07 29.37 8.28
CA GLN D 99 -25.92 28.97 7.46
C GLN D 99 -26.29 28.49 6.06
N PHE D 100 -27.57 28.46 5.70
CA PHE D 100 -28.00 27.84 4.44
C PHE D 100 -28.76 28.85 3.58
N GLY D 101 -28.01 29.57 2.74
CA GLY D 101 -28.60 30.58 1.90
C GLY D 101 -29.01 31.83 2.64
N LYS D 102 -28.51 32.00 3.86
CA LYS D 102 -28.89 33.13 4.71
C LYS D 102 -30.40 33.24 4.80
N GLN D 103 -31.07 32.10 4.92
CA GLN D 103 -32.53 32.03 4.91
C GLN D 103 -33.13 32.04 6.30
N GLU D 104 -32.40 32.56 7.30
CA GLU D 104 -32.92 32.80 8.63
C GLU D 104 -32.23 34.03 9.21
N PRO D 105 -32.41 35.21 8.61
CA PRO D 105 -31.58 36.37 9.01
C PRO D 105 -32.05 37.08 10.28
N GLY D 106 -33.31 36.92 10.69
CA GLY D 106 -33.85 37.71 11.77
C GLY D 106 -33.33 37.33 13.15
N SER D 107 -33.73 38.13 14.13
CA SER D 107 -33.35 37.91 15.52
C SER D 107 -34.19 36.78 16.12
N ASN D 108 -33.77 36.32 17.31
CA ASN D 108 -34.49 35.26 18.00
C ASN D 108 -35.93 35.68 18.30
N GLU D 109 -36.14 36.95 18.64
CA GLU D 109 -37.49 37.45 18.88
C GLU D 109 -38.32 37.41 17.61
N GLU D 110 -37.75 37.88 16.49
CA GLU D 110 -38.48 37.84 15.22
C GLU D 110 -38.79 36.40 14.79
N ILE D 111 -37.87 35.47 15.06
CA ILE D 111 -38.10 34.06 14.72
C ILE D 111 -39.24 33.48 15.55
N LYS D 112 -39.22 33.74 16.87
CA LYS D 112 -40.31 33.29 17.74
C LYS D 112 -41.66 33.76 17.22
N GLU D 113 -41.76 35.06 16.90
CA GLU D 113 -43.00 35.62 16.39
C GLU D 113 -43.38 35.01 15.06
N PHE D 114 -42.40 34.66 14.23
CA PHE D 114 -42.70 33.98 12.97
C PHE D 114 -43.28 32.59 13.22
N ALA D 115 -42.71 31.85 14.18
CA ALA D 115 -43.21 30.52 14.50
C ALA D 115 -44.58 30.60 15.17
N ALA D 116 -44.80 31.63 15.99
CA ALA D 116 -46.13 31.87 16.55
C ALA D 116 -47.19 31.93 15.47
N GLY D 117 -46.86 32.54 14.33
CA GLY D 117 -47.82 32.61 13.22
C GLY D 117 -48.24 31.26 12.67
N TYR D 118 -47.49 30.20 12.98
CA TYR D 118 -47.82 28.83 12.58
C TYR D 118 -48.43 28.00 13.70
N ASN D 119 -48.72 28.61 14.85
CA ASN D 119 -49.33 27.92 16.00
C ASN D 119 -48.40 26.84 16.55
N VAL D 120 -47.10 27.14 16.55
CA VAL D 120 -46.06 26.24 17.04
C VAL D 120 -46.13 26.15 18.57
N LYS D 121 -46.36 24.94 19.09
CA LYS D 121 -46.34 24.71 20.52
C LYS D 121 -45.19 23.81 20.99
N PHE D 122 -44.28 23.41 20.10
CA PHE D 122 -43.12 22.64 20.54
C PHE D 122 -42.00 23.60 20.98
N ASP D 123 -40.78 23.10 21.14
CA ASP D 123 -39.74 23.87 21.80
C ASP D 123 -38.85 24.56 20.77
N MET D 124 -38.82 25.88 20.82
CA MET D 124 -37.96 26.70 19.97
C MET D 124 -36.71 27.12 20.74
N PHE D 125 -35.56 27.01 20.09
CA PHE D 125 -34.30 27.34 20.72
C PHE D 125 -33.68 28.56 20.03
N SER D 126 -32.67 29.13 20.67
CA SER D 126 -31.98 30.26 20.06
C SER D 126 -31.23 29.81 18.81
N LYS D 127 -31.09 30.73 17.86
CA LYS D 127 -30.35 30.46 16.63
C LYS D 127 -28.92 30.03 16.95
N ILE D 128 -28.41 29.08 16.18
CA ILE D 128 -27.08 28.50 16.37
C ILE D 128 -26.45 28.26 15.01
N CYS D 129 -25.20 27.77 15.02
CA CYS D 129 -24.61 27.12 13.85
C CYS D 129 -24.68 25.61 14.05
N VAL D 130 -24.93 24.89 12.95
CA VAL D 130 -24.96 23.43 12.97
C VAL D 130 -23.74 22.83 12.28
N ASN D 131 -22.96 23.62 11.55
CA ASN D 131 -21.77 23.16 10.87
C ASN D 131 -20.59 24.05 11.23
N GLY D 132 -19.39 23.51 11.05
CA GLY D 132 -18.19 24.28 11.29
C GLY D 132 -17.68 24.19 12.71
N ASP D 133 -16.53 24.84 12.92
CA ASP D 133 -15.83 24.71 14.20
C ASP D 133 -16.60 25.36 15.34
N ASP D 134 -17.57 26.22 15.05
CA ASP D 134 -18.34 26.87 16.11
C ASP D 134 -19.74 26.29 16.25
N ALA D 135 -20.03 25.15 15.62
CA ALA D 135 -21.35 24.55 15.70
C ALA D 135 -21.68 24.15 17.13
N HIS D 136 -22.97 24.22 17.46
CA HIS D 136 -23.41 23.85 18.81
C HIS D 136 -22.98 22.42 19.13
N PRO D 137 -22.50 22.16 20.35
CA PRO D 137 -21.95 20.82 20.66
C PRO D 137 -22.94 19.68 20.50
N LEU D 138 -24.24 19.89 20.77
CA LEU D 138 -25.21 18.84 20.51
C LEU D 138 -25.22 18.43 19.05
N TRP D 139 -25.14 19.41 18.14
CA TRP D 139 -25.14 19.11 16.71
C TRP D 139 -23.84 18.46 16.26
N LYS D 140 -22.71 18.88 16.84
CA LYS D 140 -21.45 18.15 16.58
C LYS D 140 -21.59 16.69 16.97
N TRP D 141 -22.23 16.43 18.12
CA TRP D 141 -22.41 15.07 18.62
C TRP D 141 -23.38 14.29 17.73
N MET D 142 -24.52 14.90 17.38
CA MET D 142 -25.51 14.19 16.56
C MET D 142 -24.93 13.74 15.23
N LYS D 143 -24.08 14.57 14.63
CA LYS D 143 -23.57 14.30 13.29
C LYS D 143 -22.66 13.07 13.24
N ILE D 144 -21.96 12.77 14.34
CA ILE D 144 -21.03 11.65 14.37
C ILE D 144 -21.66 10.36 14.90
N GLN D 145 -22.93 10.39 15.29
CA GLN D 145 -23.59 9.19 15.75
C GLN D 145 -23.71 8.15 14.63
N PRO D 146 -23.63 6.86 14.98
CA PRO D 146 -23.78 5.81 13.96
C PRO D 146 -25.04 5.92 13.12
N LYS D 147 -26.20 6.14 13.76
CA LYS D 147 -27.43 6.25 12.99
C LYS D 147 -27.67 7.66 12.45
N GLY D 148 -26.78 8.61 12.74
CA GLY D 148 -26.95 9.98 12.26
C GLY D 148 -26.00 10.35 11.14
N LYS D 149 -25.53 9.33 10.42
CA LYS D 149 -24.56 9.54 9.36
C LYS D 149 -25.21 10.21 8.16
N GLY D 150 -24.50 11.16 7.56
CA GLY D 150 -24.90 11.73 6.29
C GLY D 150 -24.28 10.96 5.12
N ILE D 151 -24.60 11.43 3.92
CA ILE D 151 -23.98 10.95 2.68
C ILE D 151 -23.11 12.07 2.16
N LEU D 152 -21.87 11.73 1.80
CA LEU D 152 -20.85 12.71 1.43
C LEU D 152 -20.49 13.60 2.63
N GLY D 153 -20.10 12.94 3.71
CA GLY D 153 -19.81 13.61 4.96
C GLY D 153 -21.05 13.76 5.83
N ASN D 154 -20.81 14.04 7.10
CA ASN D 154 -21.88 14.16 8.07
C ASN D 154 -22.37 15.60 8.24
N ALA D 155 -21.77 16.56 7.55
CA ALA D 155 -22.21 17.95 7.67
C ALA D 155 -23.67 18.09 7.26
N ILE D 156 -24.37 19.01 7.94
CA ILE D 156 -25.74 19.34 7.58
C ILE D 156 -25.74 20.02 6.21
N LYS D 157 -26.57 19.51 5.30
CA LYS D 157 -26.55 19.98 3.92
C LYS D 157 -27.46 21.17 3.62
N TRP D 158 -28.58 21.32 4.34
CA TRP D 158 -29.51 22.42 4.06
C TRP D 158 -30.51 22.53 5.20
N ASN D 159 -31.34 23.58 5.14
CA ASN D 159 -32.35 23.80 6.18
C ASN D 159 -33.24 22.58 6.30
N PHE D 160 -33.64 22.26 7.54
CA PHE D 160 -34.65 21.24 7.85
C PHE D 160 -34.12 19.82 7.66
N THR D 161 -32.86 19.57 8.01
CA THR D 161 -32.46 18.21 8.34
C THR D 161 -33.14 17.82 9.65
N LYS D 162 -33.55 16.55 9.76
CA LYS D 162 -34.23 16.06 10.95
C LYS D 162 -33.47 14.88 11.53
N PHE D 163 -33.29 14.88 12.85
CA PHE D 163 -32.73 13.75 13.57
C PHE D 163 -33.80 13.16 14.47
N LEU D 164 -33.96 11.84 14.42
CA LEU D 164 -34.90 11.15 15.31
C LEU D 164 -34.15 10.65 16.52
N ILE D 165 -34.60 11.03 17.71
CA ILE D 165 -33.95 10.73 18.98
C ILE D 165 -34.84 9.79 19.76
N ASP D 166 -34.25 8.71 20.27
CA ASP D 166 -35.00 7.73 21.06
C ASP D 166 -35.25 8.28 22.46
N LYS D 167 -35.95 7.49 23.27
CA LYS D 167 -36.31 7.90 24.62
C LYS D 167 -35.11 7.95 25.55
N ASN D 168 -34.00 7.31 25.18
CA ASN D 168 -32.77 7.39 25.95
C ASN D 168 -31.86 8.51 25.47
N GLY D 169 -32.29 9.28 24.48
CA GLY D 169 -31.47 10.35 23.93
C GLY D 169 -30.48 9.94 22.86
N CYS D 170 -30.61 8.75 22.28
CA CYS D 170 -29.72 8.25 21.25
C CYS D 170 -30.28 8.56 19.87
N VAL D 171 -29.38 8.87 18.92
CA VAL D 171 -29.82 9.10 17.55
C VAL D 171 -30.18 7.77 16.91
N VAL D 172 -31.32 7.73 16.22
CA VAL D 172 -31.79 6.49 15.62
C VAL D 172 -32.05 6.66 14.14
N LYS D 173 -32.03 7.89 13.65
CA LYS D 173 -32.24 8.12 12.22
C LYS D 173 -31.95 9.57 11.90
N ARG D 174 -31.78 9.85 10.61
CA ARG D 174 -31.53 11.18 10.09
C ARG D 174 -32.32 11.32 8.79
N TYR D 175 -32.90 12.50 8.57
CA TYR D 175 -33.71 12.72 7.39
C TYR D 175 -33.21 13.95 6.66
N GLY D 176 -32.93 13.79 5.37
CA GLY D 176 -32.36 14.85 4.57
C GLY D 176 -33.24 16.10 4.50
N PRO D 177 -32.63 17.20 4.07
CA PRO D 177 -33.37 18.49 4.03
C PRO D 177 -34.55 18.48 3.11
N MET D 178 -34.67 17.50 2.21
CA MET D 178 -35.75 17.46 1.24
C MET D 178 -36.90 16.54 1.65
N GLU D 179 -36.72 15.73 2.69
CA GLU D 179 -37.82 14.93 3.23
C GLU D 179 -38.83 15.83 3.94
N GLU D 180 -40.08 15.82 3.47
CA GLU D 180 -41.15 16.44 4.24
C GLU D 180 -41.23 15.79 5.62
N PRO D 181 -41.53 16.56 6.67
CA PRO D 181 -41.56 15.95 8.02
C PRO D 181 -42.53 14.77 8.13
N LEU D 182 -43.58 14.75 7.31
CA LEU D 182 -44.55 13.66 7.36
C LEU D 182 -43.94 12.29 7.05
N VAL D 183 -42.77 12.24 6.38
CA VAL D 183 -42.14 10.95 6.12
C VAL D 183 -41.68 10.30 7.43
N ILE D 184 -41.49 11.09 8.49
CA ILE D 184 -41.04 10.52 9.75
C ILE D 184 -42.15 9.74 10.43
N GLU D 185 -43.42 10.00 10.06
CA GLU D 185 -44.55 9.53 10.86
C GLU D 185 -44.58 8.00 10.95
N LYS D 186 -44.36 7.31 9.83
CA LYS D 186 -44.36 5.85 9.85
C LYS D 186 -43.25 5.27 10.73
N ASP D 187 -42.20 6.03 11.02
CA ASP D 187 -41.09 5.54 11.82
C ASP D 187 -41.28 5.76 13.31
N LEU D 188 -42.18 6.65 13.71
CA LEU D 188 -42.39 6.95 15.12
C LEU D 188 -42.87 5.77 15.97
N PRO D 189 -43.81 4.92 15.53
CA PRO D 189 -44.37 3.90 16.44
C PRO D 189 -43.34 2.99 17.08
N HIS D 190 -42.24 2.68 16.39
CA HIS D 190 -41.29 1.70 16.93
C HIS D 190 -40.61 2.19 18.19
N TYR D 191 -40.51 3.51 18.37
CA TYR D 191 -39.73 4.07 19.46
C TYR D 191 -40.58 4.68 20.55
N PHE D 192 -41.88 4.80 20.35
CA PHE D 192 -42.76 5.24 21.41
C PHE D 192 -42.73 4.23 22.54
#